data_7X7U
#
_entry.id   7X7U
#
_cell.length_a   1.00
_cell.length_b   1.00
_cell.length_c   1.00
_cell.angle_alpha   90.00
_cell.angle_beta   90.00
_cell.angle_gamma   90.00
#
_symmetry.space_group_name_H-M   'P 1'
#
loop_
_entity.id
_entity.type
_entity.pdbx_description
1 polymer 'Spike protein S1'
2 polymer 'X10 light chain'
3 polymer 'X10 heavy chain'
4 polymer 'X17 light chain'
5 polymer 'X17 heavy chain'
6 polymer 'X01 light chain'
7 polymer 'X01 heavy chain'
8 non-polymer 2-acetamido-2-deoxy-beta-D-glucopyranose
#
loop_
_entity_poly.entity_id
_entity_poly.type
_entity_poly.pdbx_seq_one_letter_code
_entity_poly.pdbx_strand_id
1 'polypeptide(L)'
;ESIVRFPNITNLCPFGEVFNATRFASVYAWNRKRISNCVADYSVLYNSASFSTFKCYGVSPTKLNDLCFTNVYADSFVIR
GDEVRQIAPGQTGKIADYNYKLPDDFTGCVIAWNSNNLDSKVGGNYNYRYRLFRKSNLKPFERDISTEIYQAGSKPCNGV
EGFNCYFPLQSYGFQPTNGVGYQPYRVVVLSFELLHAPATVCGP
;
G
2 'polypeptide(L)'
;DIVLTQSPASLAVSLGQRAAISCRASQSVSTSSHNYVHWYQQRPGQPPKLLIKYASNLECGVPARFSGSGSGTDFTLNIH
PVEEEDSAAYYCQHSWEIPYTFGGGTKLEIK
;
L
3 'polypeptide(L)'
;EVQLQQSGPELVKPGASVKISCKTSGYTFTEYTLHWVKQSHGKSLEWIGGFDPNFGGATYNLKFEDKATLTVDKSSNTAY
MELRSLTSEDSAVFYCARGDYGTSYAYFDFWGQGTTLTVSS
;
H
4 'polypeptide(L)'
;DIQMTQTTSSLSASLGDRVTISCRASQDISNYLNWYQQKPDGTVKLLIYYTSRLHSGVPSRFSGSGSGTDYSLTISNLEQ
EDIATYFCQQGTTLPYTFGGGTKLEIK
;
B
5 'polypeptide(L)'
;QVQLQQSGAELARPGASVKLSCKASGYTFTFYWMQWLKQRPGQGLEWIGAIYPGDGDTRYTQRFKDKATLTADKSSSTAY
IQLSSLASEDSAVYYCAGGEYDNYGFDYWGQGTTLTVSS
;
A
6 'polypeptide(L)'
;DIQMTQSSSYLSVSLGGRVTITCKASDHINNWLAWYQQKPGNAPRLLISGVTNLETGVPSRFSGSGSGKNFTLSIASLQT
EDVATYYCQQYWSFPWTFGGGTKLEIR
;
D
7 'polypeptide(L)'
;EIQLQQSGPELVAPGASVKVSCKASGYAFTSYNMYWVRQSHGKSLEWIGYIVPYNGGTTYNQEFKGKATLTVDKSSNTAY
IHLNSLTSEDSAVYYCAKEGTYYGYDGVLADWGQGTLVT
;
C
#
loop_
_chem_comp.id
_chem_comp.type
_chem_comp.name
_chem_comp.formula
NAG D-saccharide, beta linking 2-acetamido-2-deoxy-beta-D-glucopyranose 'C8 H15 N O6'
#
# COMPACT_ATOMS: atom_id res chain seq x y z
N THR A 10 -15.21 4.34 22.79
CA THR A 10 -15.97 5.40 22.12
C THR A 10 -15.06 6.24 21.25
N ASN A 11 -13.78 5.90 21.24
CA ASN A 11 -12.84 6.59 20.36
C ASN A 11 -12.90 5.97 18.97
N LEU A 12 -13.24 6.79 17.99
CA LEU A 12 -13.28 6.33 16.61
C LEU A 12 -11.90 6.56 16.00
N CYS A 13 -11.30 5.47 15.51
CA CYS A 13 -9.91 5.51 15.12
C CYS A 13 -9.80 6.20 13.76
N PRO A 14 -8.70 6.92 13.51
CA PRO A 14 -8.70 7.86 12.40
C PRO A 14 -8.56 7.20 11.03
N PHE A 15 -9.62 7.29 10.24
CA PHE A 15 -9.50 7.24 8.81
C PHE A 15 -9.40 8.64 8.23
N GLY A 16 -9.34 9.65 9.08
CA GLY A 16 -9.07 11.00 8.69
C GLY A 16 -7.60 11.34 8.71
N GLU A 17 -6.75 10.33 8.84
CA GLU A 17 -5.31 10.53 8.84
C GLU A 17 -4.63 9.69 7.78
N VAL A 18 -5.25 8.58 7.36
CA VAL A 18 -4.68 7.76 6.30
C VAL A 18 -5.48 7.77 5.01
N PHE A 19 -6.71 8.29 4.97
CA PHE A 19 -7.46 8.37 3.72
C PHE A 19 -7.39 9.74 3.08
N ASN A 20 -7.85 10.78 3.77
CA ASN A 20 -7.78 12.13 3.22
C ASN A 20 -6.51 12.83 3.72
N ALA A 21 -5.39 12.14 3.58
CA ALA A 21 -4.10 12.72 3.88
C ALA A 21 -3.71 13.67 2.76
N THR A 22 -2.72 14.51 3.02
CA THR A 22 -2.35 15.52 2.04
C THR A 22 -1.34 15.01 1.02
N ARG A 23 -0.37 14.20 1.44
CA ARG A 23 0.58 13.64 0.49
C ARG A 23 0.79 12.18 0.82
N PHE A 24 0.58 11.32 -0.18
CA PHE A 24 0.80 9.90 -0.05
C PHE A 24 2.24 9.56 -0.40
N ALA A 25 2.76 8.53 0.24
CA ALA A 25 4.11 8.09 -0.06
C ALA A 25 4.12 7.29 -1.35
N SER A 26 5.32 6.96 -1.82
CA SER A 26 5.46 6.34 -3.13
C SER A 26 5.19 4.85 -3.05
N VAL A 27 5.54 4.15 -4.14
CA VAL A 27 5.23 2.72 -4.23
C VAL A 27 6.36 1.88 -3.65
N TYR A 28 7.60 2.29 -3.91
CA TYR A 28 8.75 1.58 -3.37
C TYR A 28 8.86 1.72 -1.86
N ALA A 29 8.29 2.77 -1.28
CA ALA A 29 8.21 2.94 0.17
C ALA A 29 6.78 3.31 0.55
N TRP A 30 5.93 2.31 0.73
CA TRP A 30 4.54 2.53 1.10
C TRP A 30 4.44 2.67 2.61
N ASN A 31 3.58 3.57 3.06
CA ASN A 31 3.35 3.71 4.49
C ASN A 31 2.52 2.55 5.01
N ARG A 32 2.44 2.47 6.33
CA ARG A 32 1.54 1.52 6.98
C ARG A 32 1.24 2.03 8.37
N LYS A 33 -0.04 2.19 8.67
CA LYS A 33 -0.48 2.62 10.00
C LYS A 33 -1.34 1.52 10.58
N ARG A 34 -0.85 0.88 11.63
CA ARG A 34 -1.58 -0.17 12.32
C ARG A 34 -2.65 0.49 13.17
N ILE A 35 -3.89 0.10 12.95
CA ILE A 35 -5.04 0.73 13.57
C ILE A 35 -5.60 -0.20 14.64
N SER A 36 -5.69 0.28 15.87
CA SER A 36 -6.01 -0.57 17.00
C SER A 36 -6.89 0.19 17.97
N ASN A 37 -7.66 -0.58 18.76
CA ASN A 37 -8.54 -0.10 19.83
C ASN A 37 -9.59 0.89 19.32
N CYS A 38 -10.48 0.42 18.46
CA CYS A 38 -11.38 1.28 17.72
C CYS A 38 -12.82 1.05 18.09
N VAL A 39 -13.63 2.07 17.84
CA VAL A 39 -14.95 1.86 17.27
C VAL A 39 -14.90 2.32 15.83
N ALA A 40 -14.92 1.37 14.89
CA ALA A 40 -14.53 1.64 13.51
C ALA A 40 -15.77 1.90 12.68
N ASP A 41 -15.98 3.15 12.28
CA ASP A 41 -17.10 3.51 11.41
C ASP A 41 -16.64 3.32 9.98
N TYR A 42 -17.06 2.22 9.37
CA TYR A 42 -16.79 1.96 7.96
C TYR A 42 -17.82 2.61 7.05
N SER A 43 -18.66 3.50 7.56
CA SER A 43 -19.74 4.04 6.75
C SER A 43 -19.35 5.29 5.98
N VAL A 44 -18.25 5.94 6.34
CA VAL A 44 -17.77 7.07 5.55
C VAL A 44 -17.01 6.60 4.32
N LEU A 45 -16.64 5.33 4.27
CA LEU A 45 -15.99 4.78 3.09
C LEU A 45 -16.98 4.52 1.97
N TYR A 46 -18.19 4.07 2.30
CA TYR A 46 -19.20 3.75 1.30
C TYR A 46 -19.76 5.00 0.67
N ASN A 47 -20.22 5.94 1.50
CA ASN A 47 -21.02 7.09 1.05
C ASN A 47 -20.15 8.12 0.33
N SER A 48 -19.62 7.70 -0.82
CA SER A 48 -18.88 8.56 -1.72
C SER A 48 -18.84 7.87 -3.07
N ALA A 49 -19.06 8.63 -4.14
CA ALA A 49 -18.84 8.12 -5.49
C ALA A 49 -17.43 8.38 -5.95
N SER A 50 -16.59 8.95 -5.10
CA SER A 50 -15.23 9.28 -5.50
C SER A 50 -14.33 8.04 -5.47
N PHE A 51 -14.57 7.14 -4.52
CA PHE A 51 -13.79 5.91 -4.44
C PHE A 51 -14.07 5.04 -5.66
N SER A 52 -13.09 4.97 -6.56
CA SER A 52 -13.32 4.33 -7.84
C SER A 52 -13.45 2.82 -7.69
N THR A 53 -12.40 2.16 -7.25
CA THR A 53 -12.44 0.72 -7.04
C THR A 53 -12.41 0.37 -5.55
N PHE A 54 -13.34 -0.48 -5.13
CA PHE A 54 -13.52 -0.90 -3.74
C PHE A 54 -13.74 -2.40 -3.82
N LYS A 55 -12.66 -3.15 -3.89
CA LYS A 55 -12.76 -4.60 -4.01
C LYS A 55 -12.37 -5.17 -2.66
N CYS A 56 -13.28 -5.94 -2.07
CA CYS A 56 -13.00 -6.60 -0.81
C CYS A 56 -12.86 -8.09 -1.04
N TYR A 57 -11.71 -8.64 -0.69
CA TYR A 57 -11.42 -10.05 -0.87
C TYR A 57 -11.60 -10.78 0.44
N GLY A 58 -12.40 -11.85 0.42
CA GLY A 58 -12.61 -12.68 1.58
C GLY A 58 -13.66 -12.19 2.54
N VAL A 59 -14.10 -10.94 2.45
CA VAL A 59 -15.08 -10.36 3.34
C VAL A 59 -16.06 -9.53 2.52
N SER A 60 -17.35 -9.85 2.64
CA SER A 60 -18.37 -9.13 1.89
C SER A 60 -18.48 -7.70 2.39
N PRO A 61 -18.65 -6.70 1.50
CA PRO A 61 -18.54 -5.31 1.93
C PRO A 61 -19.75 -4.80 2.70
N THR A 62 -20.84 -5.57 2.71
CA THR A 62 -21.99 -5.17 3.52
C THR A 62 -21.86 -5.67 4.95
N LYS A 63 -20.88 -6.52 5.24
CA LYS A 63 -20.66 -7.03 6.58
C LYS A 63 -19.40 -6.49 7.22
N LEU A 64 -18.89 -5.34 6.77
CA LEU A 64 -17.73 -4.75 7.40
C LEU A 64 -18.08 -4.13 8.75
N ASN A 65 -19.29 -3.59 8.87
CA ASN A 65 -19.72 -2.93 10.10
C ASN A 65 -20.08 -3.93 11.19
N ASP A 66 -20.21 -5.21 10.87
CA ASP A 66 -20.64 -6.23 11.81
C ASP A 66 -19.58 -7.32 11.95
N LEU A 67 -18.31 -6.91 12.03
CA LEU A 67 -17.23 -7.87 12.19
C LEU A 67 -16.18 -7.28 13.11
N CYS A 68 -15.53 -8.15 13.88
CA CYS A 68 -14.46 -7.75 14.78
C CYS A 68 -13.19 -8.51 14.43
N PHE A 69 -12.06 -7.79 14.40
CA PHE A 69 -10.79 -8.32 13.96
C PHE A 69 -9.75 -8.18 15.07
N THR A 70 -8.50 -8.47 14.71
CA THR A 70 -7.39 -8.34 15.63
C THR A 70 -6.48 -7.17 15.28
N ASN A 71 -6.20 -6.96 14.00
CA ASN A 71 -5.40 -5.84 13.54
C ASN A 71 -5.93 -5.37 12.19
N VAL A 72 -5.80 -4.08 11.95
CA VAL A 72 -6.08 -3.50 10.65
C VAL A 72 -4.84 -2.73 10.20
N TYR A 73 -4.32 -3.11 9.03
CA TYR A 73 -3.14 -2.48 8.44
C TYR A 73 -3.64 -1.61 7.29
N ALA A 74 -3.29 -0.37 7.31
CA ALA A 74 -3.68 0.48 6.25
C ALA A 74 -2.49 0.88 5.48
N ASP A 75 -2.17 0.25 4.37
CA ASP A 75 -1.06 0.57 3.46
C ASP A 75 -1.52 1.71 2.55
N SER A 76 -0.57 2.47 1.99
CA SER A 76 -0.91 3.61 1.17
C SER A 76 0.19 3.91 0.17
N PHE A 77 -0.18 4.13 -1.09
CA PHE A 77 0.77 4.50 -2.13
C PHE A 77 0.02 5.18 -3.27
N VAL A 78 0.73 5.50 -4.35
CA VAL A 78 0.17 6.17 -5.52
C VAL A 78 0.70 5.48 -6.77
N ILE A 79 -0.18 4.85 -7.54
CA ILE A 79 0.26 4.18 -8.75
C ILE A 79 -0.50 4.73 -9.95
N ARG A 80 -0.19 4.21 -11.13
CA ARG A 80 -0.87 4.63 -12.35
C ARG A 80 -2.28 4.09 -12.38
N GLY A 81 -3.12 4.51 -13.32
CA GLY A 81 -4.45 3.92 -13.39
C GLY A 81 -4.44 2.46 -13.78
N ASP A 82 -3.60 2.10 -14.74
CA ASP A 82 -3.56 0.73 -15.23
C ASP A 82 -3.17 -0.25 -14.16
N GLU A 83 -2.23 0.15 -13.31
CA GLU A 83 -1.75 -0.75 -12.29
C GLU A 83 -2.72 -1.03 -11.13
N VAL A 84 -3.78 -0.24 -10.99
CA VAL A 84 -4.77 -0.52 -9.94
C VAL A 84 -5.45 -1.87 -10.08
N ARG A 85 -5.00 -2.74 -10.96
CA ARG A 85 -5.45 -4.13 -11.04
C ARG A 85 -4.32 -5.13 -10.87
N GLN A 86 -3.15 -4.67 -10.46
CA GLN A 86 -2.10 -5.57 -10.00
C GLN A 86 -2.10 -5.71 -8.49
N ILE A 87 -2.83 -4.85 -7.79
CA ILE A 87 -2.93 -4.95 -6.33
C ILE A 87 -4.09 -5.90 -6.06
N ALA A 88 -3.78 -7.19 -6.10
CA ALA A 88 -4.74 -8.27 -6.05
C ALA A 88 -3.99 -9.56 -5.80
N PRO A 89 -4.62 -10.62 -5.29
CA PRO A 89 -3.91 -11.88 -5.14
C PRO A 89 -3.70 -12.56 -6.49
N GLY A 90 -2.44 -12.78 -6.85
CA GLY A 90 -2.06 -13.64 -7.96
C GLY A 90 -1.50 -12.93 -9.17
N GLN A 91 -1.69 -11.62 -9.30
CA GLN A 91 -1.28 -10.94 -10.52
C GLN A 91 0.22 -10.64 -10.51
N THR A 92 0.75 -10.41 -11.71
CA THR A 92 2.15 -10.06 -11.90
C THR A 92 2.22 -8.75 -12.67
N GLY A 93 3.44 -8.30 -12.94
CA GLY A 93 3.61 -7.01 -13.60
C GLY A 93 4.53 -6.28 -12.66
N LYS A 94 5.07 -5.13 -13.06
CA LYS A 94 6.07 -4.47 -12.24
C LYS A 94 5.63 -4.08 -10.82
N ILE A 95 4.43 -3.55 -10.66
CA ILE A 95 3.97 -3.18 -9.34
C ILE A 95 3.81 -4.37 -8.40
N ALA A 96 3.31 -5.48 -8.90
CA ALA A 96 3.04 -6.59 -7.99
C ALA A 96 4.13 -7.60 -7.74
N ASP A 97 5.26 -7.49 -8.42
CA ASP A 97 6.38 -8.39 -8.13
C ASP A 97 7.58 -7.66 -7.57
N TYR A 98 7.80 -6.40 -7.97
CA TYR A 98 8.96 -5.67 -7.49
C TYR A 98 8.65 -4.58 -6.48
N ASN A 99 7.38 -4.26 -6.25
CA ASN A 99 7.08 -3.15 -5.36
C ASN A 99 6.23 -3.53 -4.16
N TYR A 100 5.08 -4.16 -4.36
CA TYR A 100 4.16 -4.42 -3.26
C TYR A 100 3.30 -5.61 -3.63
N LYS A 101 3.64 -6.79 -3.11
CA LYS A 101 2.92 -8.01 -3.44
C LYS A 101 1.95 -8.37 -2.34
N LEU A 102 0.70 -8.62 -2.72
CA LEU A 102 -0.34 -9.12 -1.83
C LEU A 102 -0.30 -10.64 -1.77
N PRO A 103 -0.59 -11.26 -0.64
CA PRO A 103 -0.53 -12.71 -0.56
C PRO A 103 -1.74 -13.37 -1.21
N ASP A 104 -1.69 -14.69 -1.28
CA ASP A 104 -2.77 -15.44 -1.94
C ASP A 104 -4.03 -15.45 -1.06
N ASP A 105 -3.89 -15.85 0.19
CA ASP A 105 -5.03 -15.91 1.11
C ASP A 105 -5.24 -14.55 1.79
N PHE A 106 -5.59 -13.57 0.97
CA PHE A 106 -5.78 -12.21 1.43
C PHE A 106 -7.18 -12.02 2.00
N THR A 107 -7.28 -11.27 3.09
CA THR A 107 -8.57 -10.89 3.68
C THR A 107 -8.55 -9.37 3.90
N GLY A 108 -8.83 -8.62 2.85
CA GLY A 108 -8.70 -7.18 2.89
C GLY A 108 -9.65 -6.48 1.97
N CYS A 109 -9.41 -5.18 1.77
CA CYS A 109 -10.30 -4.34 0.95
C CYS A 109 -9.45 -3.32 0.22
N VAL A 110 -9.09 -3.60 -1.04
CA VAL A 110 -8.29 -2.67 -1.82
C VAL A 110 -9.15 -1.51 -2.27
N ILE A 111 -8.82 -0.31 -1.79
CA ILE A 111 -9.59 0.90 -2.09
C ILE A 111 -8.66 1.85 -2.84
N ALA A 112 -9.19 2.52 -3.86
CA ALA A 112 -8.39 3.42 -4.71
C ALA A 112 -9.28 4.41 -5.43
N TRP A 113 -9.15 5.69 -5.11
CA TRP A 113 -9.88 6.71 -5.84
C TRP A 113 -9.01 7.29 -6.94
N ASN A 114 -9.46 8.39 -7.53
CA ASN A 114 -8.74 9.07 -8.59
C ASN A 114 -8.42 10.49 -8.13
N SER A 115 -7.16 10.86 -8.22
CA SER A 115 -6.71 12.19 -7.86
C SER A 115 -5.76 12.69 -8.93
N ASN A 116 -6.30 13.38 -9.93
CA ASN A 116 -5.49 14.09 -10.90
C ASN A 116 -5.43 15.58 -10.62
N ASN A 117 -6.35 16.09 -9.80
CA ASN A 117 -6.30 17.48 -9.36
C ASN A 117 -5.28 17.69 -8.26
N LEU A 118 -4.71 16.62 -7.72
CA LEU A 118 -3.85 16.69 -6.55
C LEU A 118 -2.40 16.36 -6.89
N ASP A 119 -2.17 15.26 -7.60
CA ASP A 119 -0.83 14.71 -7.79
C ASP A 119 -0.26 14.94 -9.18
N SER A 120 -0.50 16.10 -9.79
CA SER A 120 0.00 16.33 -11.13
C SER A 120 0.32 17.80 -11.35
N LYS A 121 1.31 18.04 -12.20
CA LYS A 121 1.77 19.37 -12.56
C LYS A 121 1.72 19.49 -14.08
N VAL A 122 1.79 20.73 -14.57
CA VAL A 122 1.73 20.95 -16.02
C VAL A 122 3.03 20.53 -16.69
N GLY A 123 4.14 20.58 -15.94
CA GLY A 123 5.41 20.13 -16.49
C GLY A 123 5.77 18.72 -16.10
N GLY A 124 5.13 18.18 -15.09
CA GLY A 124 5.40 16.85 -14.61
C GLY A 124 5.55 16.84 -13.10
N ASN A 125 5.29 15.69 -12.51
CA ASN A 125 5.40 15.49 -11.07
C ASN A 125 6.39 14.35 -10.87
N TYR A 126 7.61 14.69 -10.46
CA TYR A 126 8.67 13.71 -10.30
C TYR A 126 8.88 13.29 -8.86
N ASN A 127 7.84 13.32 -8.04
CA ASN A 127 7.97 12.92 -6.64
C ASN A 127 7.72 11.43 -6.45
N TYR A 128 6.68 10.90 -7.08
CA TYR A 128 6.36 9.49 -6.93
C TYR A 128 7.24 8.63 -7.84
N ARG A 129 7.72 7.52 -7.29
CA ARG A 129 8.69 6.68 -7.97
C ARG A 129 8.31 5.22 -7.78
N TYR A 130 8.71 4.38 -8.74
CA TYR A 130 8.50 2.95 -8.60
C TYR A 130 9.72 2.19 -9.08
N ARG A 131 9.76 0.89 -8.84
CA ARG A 131 10.96 0.10 -9.09
C ARG A 131 10.90 -0.50 -10.48
N LEU A 132 12.06 -0.87 -10.99
CA LEU A 132 12.10 -1.42 -12.34
C LEU A 132 12.63 -2.83 -12.40
N PHE A 133 13.76 -3.12 -11.76
CA PHE A 133 14.37 -4.43 -11.85
C PHE A 133 14.78 -4.89 -10.45
N ARG A 134 14.75 -6.20 -10.25
CA ARG A 134 15.20 -6.81 -9.01
C ARG A 134 15.57 -8.25 -9.32
N LYS A 135 16.44 -8.82 -8.49
CA LYS A 135 16.92 -10.18 -8.74
C LYS A 135 15.83 -11.21 -8.46
N SER A 136 15.10 -11.04 -7.37
CA SER A 136 13.98 -11.91 -7.05
C SER A 136 12.72 -11.08 -6.88
N ASN A 137 11.61 -11.60 -7.37
CA ASN A 137 10.32 -10.97 -7.12
C ASN A 137 9.96 -11.09 -5.65
N LEU A 138 9.10 -10.17 -5.20
CA LEU A 138 8.91 -9.98 -3.77
C LEU A 138 8.06 -11.08 -3.16
N LYS A 139 8.28 -11.31 -1.91
CA LYS A 139 7.50 -12.03 -0.93
C LYS A 139 6.34 -11.16 -0.49
N PRO A 140 5.29 -11.69 0.17
CA PRO A 140 4.17 -10.84 0.57
C PRO A 140 4.52 -9.77 1.59
N PHE A 141 4.02 -8.55 1.34
CA PHE A 141 4.18 -7.36 2.17
C PHE A 141 5.63 -6.97 2.40
N GLU A 142 6.54 -7.34 1.50
CA GLU A 142 7.94 -7.03 1.69
C GLU A 142 8.28 -5.66 1.10
N ARG A 143 9.02 -4.88 1.87
CA ARG A 143 9.39 -3.54 1.46
C ARG A 143 10.90 -3.42 1.45
N ASP A 144 11.43 -2.85 0.38
CA ASP A 144 12.86 -2.58 0.26
C ASP A 144 13.04 -1.17 -0.30
N ILE A 145 13.95 -0.42 0.31
CA ILE A 145 14.20 0.95 -0.12
C ILE A 145 15.67 1.11 -0.48
N SER A 146 16.29 0.04 -0.96
CA SER A 146 17.69 0.08 -1.38
C SER A 146 17.77 0.75 -2.74
N THR A 147 18.27 1.98 -2.76
CA THR A 147 18.37 2.79 -3.97
C THR A 147 19.77 2.73 -4.55
N GLU A 148 20.43 1.60 -4.40
CA GLU A 148 21.80 1.46 -4.87
C GLU A 148 21.84 1.39 -6.39
N ILE A 149 22.98 1.77 -6.95
CA ILE A 149 23.17 1.71 -8.40
C ILE A 149 23.31 0.26 -8.80
N TYR A 150 22.33 -0.25 -9.54
CA TYR A 150 22.02 -1.67 -9.55
C TYR A 150 23.03 -2.48 -10.34
N GLN A 151 23.31 -3.68 -9.83
CA GLN A 151 24.15 -4.68 -10.49
C GLN A 151 23.28 -5.48 -11.46
N ALA A 152 23.32 -5.10 -12.73
CA ALA A 152 22.58 -5.80 -13.77
C ALA A 152 23.48 -6.62 -14.68
N GLY A 153 24.74 -6.80 -14.30
CA GLY A 153 25.75 -7.28 -15.21
C GLY A 153 26.85 -6.25 -15.27
N SER A 154 27.83 -6.43 -16.17
CA SER A 154 29.10 -5.68 -16.18
C SER A 154 29.77 -5.77 -14.81
N LYS A 155 30.21 -6.99 -14.51
CA LYS A 155 30.49 -7.44 -13.15
C LYS A 155 31.47 -6.59 -12.34
N PRO A 156 32.49 -5.91 -12.91
CA PRO A 156 33.10 -4.82 -12.17
C PRO A 156 32.21 -3.59 -12.20
N CYS A 157 31.54 -3.32 -11.08
CA CYS A 157 30.67 -2.15 -10.96
C CYS A 157 31.36 -1.15 -10.04
N ASN A 158 31.56 0.06 -10.55
CA ASN A 158 32.20 1.13 -9.81
C ASN A 158 31.29 2.33 -9.59
N GLY A 159 30.00 2.23 -9.89
CA GLY A 159 29.08 3.25 -9.41
C GLY A 159 28.71 4.29 -10.45
N VAL A 160 29.57 4.50 -11.44
CA VAL A 160 29.44 5.66 -12.33
C VAL A 160 28.29 5.53 -13.34
N GLU A 161 27.55 4.41 -13.30
CA GLU A 161 26.34 4.16 -14.10
C GLU A 161 26.65 4.20 -15.60
N GLY A 162 27.47 3.25 -16.06
CA GLY A 162 27.74 3.14 -17.47
C GLY A 162 26.81 2.16 -18.16
N PHE A 163 27.40 1.40 -19.08
CA PHE A 163 26.66 0.35 -19.77
C PHE A 163 26.36 -0.79 -18.81
N ASN A 164 25.17 -1.38 -18.96
CA ASN A 164 24.67 -2.56 -18.26
C ASN A 164 24.56 -2.35 -16.75
N CYS A 165 24.35 -1.11 -16.29
CA CYS A 165 24.09 -0.83 -14.89
C CYS A 165 23.16 0.37 -14.82
N TYR A 166 21.99 0.17 -14.22
CA TYR A 166 20.94 1.19 -14.21
C TYR A 166 20.61 1.58 -12.77
N PHE A 167 19.89 2.69 -12.64
CA PHE A 167 19.25 3.01 -11.37
C PHE A 167 17.96 2.19 -11.25
N PRO A 168 17.64 1.68 -10.06
CA PRO A 168 16.51 0.77 -9.96
C PRO A 168 15.19 1.49 -9.76
N LEU A 169 15.21 2.82 -9.80
CA LEU A 169 13.99 3.60 -9.70
C LEU A 169 13.85 4.48 -10.92
N GLN A 170 12.62 4.75 -11.31
CA GLN A 170 12.34 5.60 -12.43
C GLN A 170 11.13 6.31 -11.99
N SER A 171 11.03 7.59 -12.21
CA SER A 171 9.91 8.36 -11.71
C SER A 171 8.69 8.23 -12.62
N TYR A 172 7.56 8.64 -12.08
CA TYR A 172 6.33 8.73 -12.85
C TYR A 172 6.25 10.10 -13.50
N GLY A 173 5.60 10.15 -14.66
CA GLY A 173 5.29 11.40 -15.31
C GLY A 173 3.81 11.68 -15.15
N PHE A 174 3.48 12.60 -14.26
CA PHE A 174 2.10 12.87 -13.88
C PHE A 174 1.73 14.27 -14.38
N GLN A 175 1.12 14.33 -15.51
CA GLN A 175 0.58 15.55 -16.08
C GLN A 175 -0.93 15.43 -16.18
N PRO A 176 -1.70 16.53 -16.26
CA PRO A 176 -3.14 16.39 -16.42
C PRO A 176 -3.56 15.87 -17.78
N THR A 177 -2.75 16.09 -18.81
CA THR A 177 -3.10 15.65 -20.16
C THR A 177 -2.41 14.34 -20.48
N ASN A 178 -2.85 13.28 -19.79
CA ASN A 178 -2.34 11.94 -20.05
C ASN A 178 -3.41 10.92 -20.38
N GLY A 179 -4.69 11.25 -20.24
CA GLY A 179 -5.72 10.26 -20.39
C GLY A 179 -6.08 9.68 -19.04
N VAL A 180 -6.37 8.39 -18.98
CA VAL A 180 -6.70 7.72 -17.73
C VAL A 180 -5.63 6.72 -17.34
N GLY A 181 -4.92 6.17 -18.30
CA GLY A 181 -3.92 5.16 -18.01
C GLY A 181 -2.64 5.67 -17.40
N TYR A 182 -2.45 6.97 -17.29
CA TYR A 182 -1.22 7.56 -16.75
C TYR A 182 -1.55 8.65 -15.75
N GLN A 183 -2.60 8.44 -14.98
CA GLN A 183 -3.05 9.37 -13.96
C GLN A 183 -2.87 8.74 -12.59
N PRO A 184 -2.64 9.54 -11.54
CA PRO A 184 -2.39 8.99 -10.21
C PRO A 184 -3.68 8.52 -9.55
N TYR A 185 -3.67 7.29 -9.04
CA TYR A 185 -4.80 6.71 -8.32
C TYR A 185 -4.30 6.32 -6.94
N ARG A 186 -4.63 7.12 -5.93
CA ARG A 186 -4.08 6.95 -4.58
C ARG A 186 -4.70 5.73 -3.92
N VAL A 187 -4.05 4.60 -4.03
CA VAL A 187 -4.54 3.33 -3.50
C VAL A 187 -4.38 3.33 -1.98
N VAL A 188 -5.35 2.75 -1.28
CA VAL A 188 -5.19 2.39 0.13
C VAL A 188 -5.62 0.94 0.29
N VAL A 189 -4.74 0.11 0.83
CA VAL A 189 -4.99 -1.32 0.94
C VAL A 189 -5.23 -1.62 2.42
N LEU A 190 -6.49 -1.68 2.84
CA LEU A 190 -6.80 -2.18 4.17
C LEU A 190 -6.58 -3.67 4.19
N SER A 191 -5.99 -4.17 5.28
CA SER A 191 -5.68 -5.58 5.41
C SER A 191 -6.08 -6.05 6.80
N PHE A 192 -7.19 -6.78 6.88
CA PHE A 192 -7.67 -7.28 8.16
C PHE A 192 -6.89 -8.52 8.58
N GLU A 193 -6.51 -8.57 9.84
CA GLU A 193 -5.81 -9.71 10.41
C GLU A 193 -6.82 -10.51 11.22
N LEU A 194 -7.35 -11.57 10.63
CA LEU A 194 -8.40 -12.36 11.27
C LEU A 194 -7.73 -13.57 11.90
N LEU A 195 -7.19 -13.38 13.10
CA LEU A 195 -6.55 -14.45 13.84
C LEU A 195 -7.25 -14.57 15.19
N HIS A 196 -7.42 -15.82 15.65
CA HIS A 196 -8.21 -16.12 16.84
C HIS A 196 -7.48 -15.60 18.07
N ALA A 197 -7.98 -14.49 18.61
CA ALA A 197 -7.27 -13.68 19.59
C ALA A 197 -8.30 -12.86 20.34
N PRO A 198 -7.92 -12.07 21.35
CA PRO A 198 -8.81 -11.01 21.82
C PRO A 198 -9.14 -10.02 20.71
N ALA A 199 -10.45 -9.85 20.47
CA ALA A 199 -10.92 -8.99 19.39
C ALA A 199 -10.67 -7.52 19.73
N THR A 200 -9.97 -6.83 18.85
CA THR A 200 -9.51 -5.47 19.13
C THR A 200 -10.41 -4.41 18.52
N VAL A 201 -10.55 -4.41 17.20
CA VAL A 201 -11.30 -3.39 16.48
C VAL A 201 -12.73 -3.89 16.25
N CYS A 202 -13.71 -3.06 16.59
CA CYS A 202 -15.11 -3.50 16.60
C CYS A 202 -15.97 -2.65 15.68
N GLY A 203 -17.29 -2.77 15.82
CA GLY A 203 -18.20 -1.99 15.00
C GLY A 203 -19.08 -1.01 15.77
N ASP B 1 15.80 9.25 8.16
CA ASP B 1 15.96 10.59 7.61
C ASP B 1 17.28 10.69 6.85
N ILE B 2 17.32 11.58 5.86
CA ILE B 2 18.52 11.76 5.04
C ILE B 2 19.31 12.96 5.53
N VAL B 3 20.56 12.75 5.87
CA VAL B 3 21.43 13.82 6.35
C VAL B 3 22.44 14.16 5.26
N LEU B 4 22.84 15.43 5.24
CA LEU B 4 23.81 15.95 4.29
C LEU B 4 24.84 16.73 5.08
N THR B 5 26.11 16.55 4.77
CA THR B 5 27.18 17.34 5.36
C THR B 5 28.07 17.85 4.25
N GLN B 6 28.39 19.15 4.31
CA GLN B 6 29.18 19.81 3.28
C GLN B 6 30.60 20.02 3.77
N SER B 7 31.57 19.61 2.96
CA SER B 7 32.97 19.77 3.27
C SER B 7 33.64 20.26 2.00
N PRO B 8 34.50 21.28 2.07
CA PRO B 8 35.02 21.96 3.26
C PRO B 8 34.11 23.07 3.77
N ALA B 9 33.82 23.05 5.08
CA ALA B 9 33.02 24.11 5.69
C ALA B 9 33.76 25.43 5.78
N SER B 10 35.08 25.43 5.65
CA SER B 10 35.85 26.67 5.65
C SER B 10 36.57 26.77 4.31
N LEU B 11 36.04 27.58 3.42
CA LEU B 11 36.59 27.72 2.08
C LEU B 11 36.95 29.18 1.82
N ALA B 12 38.23 29.43 1.57
CA ALA B 12 38.73 30.74 1.20
C ALA B 12 39.36 30.66 -0.18
N VAL B 13 38.94 31.55 -1.07
CA VAL B 13 39.37 31.49 -2.46
C VAL B 13 39.80 32.89 -2.89
N SER B 14 40.76 32.94 -3.82
CA SER B 14 41.18 34.18 -4.44
C SER B 14 40.26 34.51 -5.59
N LEU B 15 40.40 35.74 -6.11
CA LEU B 15 39.42 36.29 -7.04
C LEU B 15 39.51 35.67 -8.43
N GLY B 16 40.62 35.01 -8.74
CA GLY B 16 40.81 34.50 -10.08
C GLY B 16 40.37 33.07 -10.28
N GLN B 17 40.62 32.20 -9.30
CA GLN B 17 40.39 30.78 -9.50
C GLN B 17 38.96 30.40 -9.17
N ARG B 18 38.65 29.12 -9.34
CA ARG B 18 37.31 28.61 -9.11
C ARG B 18 37.13 28.14 -7.68
N ALA B 19 35.90 27.80 -7.33
CA ALA B 19 35.57 27.21 -6.05
C ALA B 19 34.98 25.82 -6.27
N ALA B 20 34.90 25.06 -5.18
CA ALA B 20 34.36 23.70 -5.26
C ALA B 20 33.76 23.32 -3.93
N ILE B 21 32.44 23.46 -3.81
CA ILE B 21 31.71 23.15 -2.58
C ILE B 21 30.96 21.84 -2.82
N SER B 22 31.00 20.96 -1.83
CA SER B 22 30.51 19.59 -1.98
C SER B 22 29.24 19.39 -1.18
N CYS B 23 28.43 18.41 -1.61
CA CYS B 23 27.27 17.94 -0.87
C CYS B 23 27.25 16.42 -0.94
N ARG B 24 27.59 15.77 0.16
CA ARG B 24 27.59 14.32 0.25
C ARG B 24 26.29 13.87 0.90
N ALA B 25 25.59 12.95 0.25
CA ALA B 25 24.29 12.50 0.71
C ALA B 25 24.39 11.14 1.38
N SER B 26 23.35 10.79 2.13
CA SER B 26 23.32 9.50 2.81
C SER B 26 22.95 8.40 1.84
N GLN B 27 21.76 8.48 1.28
CA GLN B 27 21.32 7.51 0.29
C GLN B 27 21.72 8.00 -1.10
N SER B 28 21.64 7.13 -2.10
CA SER B 28 21.89 7.51 -3.48
C SER B 28 20.66 8.28 -3.93
N VAL B 29 20.71 9.59 -3.77
CA VAL B 29 19.54 10.44 -4.04
C VAL B 29 19.64 10.79 -5.52
N SER B 30 19.17 9.85 -6.35
CA SER B 30 19.34 9.94 -7.80
C SER B 30 18.49 8.89 -8.47
N THR B 31 17.93 9.25 -9.62
CA THR B 31 17.25 8.31 -10.50
C THR B 31 17.86 8.40 -11.89
N SER B 32 17.23 7.70 -12.83
CA SER B 32 17.79 7.60 -14.19
C SER B 32 17.58 8.87 -15.00
N SER B 33 16.78 9.81 -14.54
CA SER B 33 16.47 10.99 -15.33
C SER B 33 16.58 12.29 -14.56
N HIS B 34 16.73 12.23 -13.24
CA HIS B 34 16.80 13.41 -12.41
C HIS B 34 17.81 13.19 -11.29
N ASN B 35 18.40 14.27 -10.80
CA ASN B 35 19.14 14.28 -9.56
C ASN B 35 18.45 15.23 -8.59
N TYR B 36 18.09 14.72 -7.43
CA TYR B 36 17.09 15.36 -6.57
C TYR B 36 17.69 16.30 -5.53
N VAL B 37 18.83 16.91 -5.84
CA VAL B 37 19.51 17.82 -4.92
C VAL B 37 19.52 19.21 -5.56
N HIS B 38 19.28 20.25 -4.75
CA HIS B 38 19.27 21.63 -5.23
C HIS B 38 20.31 22.43 -4.47
N TRP B 39 20.58 23.64 -4.94
CA TRP B 39 21.53 24.53 -4.30
C TRP B 39 20.90 25.89 -4.01
N TYR B 40 21.46 26.58 -3.00
CA TYR B 40 20.94 27.87 -2.59
C TYR B 40 22.09 28.83 -2.35
N GLN B 41 21.74 30.04 -1.92
CA GLN B 41 22.73 31.06 -1.61
C GLN B 41 22.10 31.88 -0.53
N GLN B 42 22.81 32.28 0.52
CA GLN B 42 22.25 33.14 1.55
C GLN B 42 23.28 34.19 1.95
N ARG B 43 23.02 35.44 1.63
CA ARG B 43 23.80 36.55 2.15
C ARG B 43 23.37 36.85 3.57
N PRO B 44 24.27 37.38 4.41
CA PRO B 44 23.89 37.74 5.77
C PRO B 44 22.95 38.93 5.79
N GLY B 45 21.86 38.80 6.56
CA GLY B 45 20.81 39.79 6.57
C GLY B 45 19.84 39.70 5.41
N GLN B 46 19.97 38.68 4.57
CA GLN B 46 19.14 38.52 3.39
C GLN B 46 18.43 37.17 3.41
N PRO B 47 17.25 37.07 2.83
CA PRO B 47 16.63 35.77 2.63
C PRO B 47 17.38 34.99 1.57
N PRO B 48 17.29 33.65 1.59
CA PRO B 48 18.01 32.85 0.61
C PRO B 48 17.44 33.02 -0.80
N LYS B 49 18.20 32.55 -1.78
CA LYS B 49 17.79 32.58 -3.17
C LYS B 49 18.38 31.39 -3.90
N LEU B 50 17.64 30.90 -4.89
CA LEU B 50 17.94 29.65 -5.56
C LEU B 50 19.06 29.83 -6.57
N LEU B 51 19.96 28.85 -6.66
CA LEU B 51 20.96 28.84 -7.71
C LEU B 51 20.62 27.83 -8.80
N ILE B 52 20.51 26.56 -8.42
CA ILE B 52 20.29 25.46 -9.35
C ILE B 52 18.98 24.78 -8.97
N LYS B 53 18.28 24.23 -9.96
CA LYS B 53 17.19 23.30 -9.71
C LYS B 53 17.53 21.97 -10.35
N TYR B 54 17.35 20.89 -9.58
CA TYR B 54 17.65 19.50 -9.96
C TYR B 54 19.10 19.30 -10.37
N ALA B 55 20.00 20.03 -9.70
CA ALA B 55 21.44 19.79 -9.60
C ALA B 55 22.25 20.07 -10.86
N SER B 56 21.60 20.28 -12.00
CA SER B 56 22.32 20.72 -13.18
C SER B 56 21.62 21.84 -13.92
N ASN B 57 20.29 21.78 -13.99
CA ASN B 57 19.54 22.75 -14.77
C ASN B 57 19.52 24.09 -14.06
N LEU B 58 19.90 25.14 -14.79
CA LEU B 58 20.23 26.41 -14.16
C LEU B 58 19.01 27.33 -14.07
N GLU B 59 18.89 27.99 -12.92
CA GLU B 59 17.74 28.84 -12.67
C GLU B 59 17.88 30.16 -13.41
N CYS B 60 16.75 30.69 -13.86
CA CYS B 60 16.70 31.91 -14.66
C CYS B 60 16.92 33.13 -13.78
N GLY B 61 17.97 33.89 -14.07
CA GLY B 61 18.25 35.12 -13.34
C GLY B 61 19.55 35.08 -12.56
N VAL B 62 20.45 34.19 -12.96
CA VAL B 62 21.74 34.03 -12.28
C VAL B 62 22.83 34.56 -13.21
N PRO B 63 24.04 34.82 -12.69
CA PRO B 63 25.14 35.25 -13.57
C PRO B 63 25.75 34.16 -14.46
N ALA B 64 25.12 32.98 -14.51
CA ALA B 64 25.48 31.86 -15.38
C ALA B 64 26.89 31.32 -15.12
N ARG B 65 27.43 31.58 -13.94
CA ARG B 65 28.72 31.01 -13.58
C ARG B 65 28.62 29.91 -12.52
N PHE B 66 27.52 29.86 -11.77
CA PHE B 66 27.28 28.76 -10.85
C PHE B 66 26.65 27.62 -11.62
N SER B 67 27.39 26.55 -11.81
CA SER B 67 26.86 25.37 -12.49
C SER B 67 27.56 24.14 -11.97
N GLY B 68 26.86 23.37 -11.14
CA GLY B 68 27.42 22.17 -10.55
C GLY B 68 26.87 20.93 -11.24
N SER B 69 27.45 19.80 -10.87
CA SER B 69 27.05 18.51 -11.43
C SER B 69 27.48 17.42 -10.46
N GLY B 70 26.81 16.28 -10.57
CA GLY B 70 27.12 15.16 -9.71
C GLY B 70 26.21 13.97 -9.94
N SER B 71 26.72 12.76 -9.74
CA SER B 71 25.97 11.54 -9.98
C SER B 71 25.90 10.72 -8.70
N GLY B 72 24.69 10.41 -8.25
CA GLY B 72 24.53 9.47 -7.17
C GLY B 72 24.52 10.05 -5.77
N THR B 73 25.64 9.92 -5.05
CA THR B 73 25.68 10.38 -3.68
C THR B 73 26.50 11.66 -3.50
N ASP B 74 27.54 11.84 -4.31
CA ASP B 74 28.43 13.00 -4.19
C ASP B 74 28.05 14.05 -5.23
N PHE B 75 27.83 15.28 -4.76
CA PHE B 75 27.50 16.38 -5.65
C PHE B 75 28.39 17.58 -5.34
N THR B 76 28.76 18.32 -6.38
CA THR B 76 29.71 19.42 -6.27
C THR B 76 29.13 20.67 -6.93
N LEU B 77 29.64 21.83 -6.51
CA LEU B 77 29.29 23.12 -7.10
C LEU B 77 30.55 23.77 -7.66
N ASN B 78 30.39 24.50 -8.77
CA ASN B 78 31.51 25.15 -9.43
C ASN B 78 31.20 26.61 -9.72
N ILE B 79 32.05 27.49 -9.21
CA ILE B 79 31.96 28.93 -9.45
C ILE B 79 33.27 29.41 -10.04
N HIS B 80 33.35 29.55 -11.38
CA HIS B 80 34.68 29.78 -11.94
C HIS B 80 35.16 31.23 -11.81
N PRO B 81 34.36 32.27 -12.07
CA PRO B 81 34.77 33.59 -11.60
C PRO B 81 34.13 33.91 -10.25
N VAL B 82 34.93 34.52 -9.38
CA VAL B 82 34.49 34.87 -8.03
C VAL B 82 34.63 36.37 -7.87
N GLU B 83 33.62 37.01 -7.31
CA GLU B 83 33.62 38.46 -7.13
C GLU B 83 33.25 38.76 -5.69
N GLU B 84 33.05 40.05 -5.40
CA GLU B 84 32.64 40.44 -4.04
C GLU B 84 31.18 40.10 -3.79
N GLU B 85 30.41 39.87 -4.86
CA GLU B 85 29.03 39.45 -4.70
C GLU B 85 28.93 38.03 -4.16
N ASP B 86 29.96 37.20 -4.35
CA ASP B 86 29.95 35.83 -3.88
C ASP B 86 30.67 35.70 -2.53
N SER B 87 30.16 36.45 -1.55
CA SER B 87 30.62 36.40 -0.16
C SER B 87 29.39 36.07 0.68
N ALA B 88 29.06 34.79 0.76
CA ALA B 88 27.81 34.35 1.36
C ALA B 88 27.92 32.87 1.68
N ALA B 89 26.90 32.34 2.33
CA ALA B 89 26.81 30.91 2.63
C ALA B 89 25.97 30.23 1.58
N TYR B 90 26.30 28.98 1.26
CA TYR B 90 25.69 28.27 0.14
C TYR B 90 25.19 26.91 0.65
N TYR B 91 23.89 26.84 0.91
CA TYR B 91 23.30 25.62 1.44
C TYR B 91 22.96 24.65 0.31
N CYS B 92 22.94 23.37 0.66
CA CYS B 92 22.52 22.27 -0.19
C CYS B 92 21.08 21.96 0.15
N GLN B 93 20.50 20.97 -0.53
CA GLN B 93 19.14 20.53 -0.24
C GLN B 93 18.97 19.13 -0.81
N HIS B 94 17.86 18.49 -0.46
CA HIS B 94 17.41 17.30 -1.15
C HIS B 94 15.89 17.26 -1.11
N SER B 95 15.29 16.63 -2.12
CA SER B 95 13.84 16.47 -2.19
C SER B 95 13.44 15.03 -2.42
N TRP B 96 14.13 14.09 -1.77
CA TRP B 96 13.88 12.68 -1.97
C TRP B 96 12.60 12.24 -1.28
N GLU B 97 12.60 12.28 0.06
CA GLU B 97 11.46 11.84 0.88
C GLU B 97 10.75 13.01 1.45
N ILE B 98 9.92 12.88 2.49
CA ILE B 98 9.12 14.05 2.87
C ILE B 98 9.76 14.97 3.92
N PRO B 99 10.70 14.52 4.81
CA PRO B 99 11.56 15.55 5.42
C PRO B 99 12.58 16.09 4.44
N TYR B 100 12.41 17.32 3.97
CA TYR B 100 13.42 17.98 3.15
C TYR B 100 14.41 18.64 4.09
N THR B 101 15.67 18.26 4.01
CA THR B 101 16.66 18.78 4.93
C THR B 101 17.71 19.57 4.17
N PHE B 102 17.85 20.83 4.53
CA PHE B 102 18.94 21.66 4.03
C PHE B 102 20.23 21.25 4.71
N GLY B 103 21.35 21.41 4.03
CA GLY B 103 22.62 21.03 4.59
C GLY B 103 23.17 22.03 5.58
N GLY B 104 24.44 21.87 5.96
CA GLY B 104 25.05 22.82 6.87
C GLY B 104 25.34 24.15 6.20
N GLY B 105 26.09 24.11 5.11
CA GLY B 105 26.41 25.34 4.39
C GLY B 105 27.78 25.88 4.70
N THR B 106 28.55 26.17 3.65
CA THR B 106 29.90 26.67 3.79
C THR B 106 29.98 28.14 3.42
N LYS B 107 30.84 28.86 4.12
CA LYS B 107 31.04 30.28 3.91
C LYS B 107 32.19 30.50 2.93
N LEU B 108 31.88 31.14 1.81
CA LEU B 108 32.87 31.47 0.80
C LEU B 108 33.36 32.89 1.00
N GLU B 109 34.56 33.04 1.54
CA GLU B 109 35.18 34.33 1.77
C GLU B 109 36.28 34.56 0.74
N ILE B 110 36.21 35.72 0.09
CA ILE B 110 37.17 36.07 -0.94
C ILE B 110 38.52 36.38 -0.31
N LYS B 111 39.59 36.13 -1.06
CA LYS B 111 40.94 36.48 -0.60
C LYS B 111 41.44 37.73 -1.31
N GLU C 1 6.07 42.14 -9.45
CA GLU C 1 6.50 40.75 -9.55
C GLU C 1 5.93 39.94 -8.40
N VAL C 2 6.22 38.63 -8.40
CA VAL C 2 5.85 37.77 -7.29
C VAL C 2 6.72 38.13 -6.09
N GLN C 3 6.08 38.50 -4.99
CA GLN C 3 6.81 38.80 -3.76
C GLN C 3 5.95 38.43 -2.58
N LEU C 4 6.58 38.22 -1.44
CA LEU C 4 5.90 37.82 -0.22
C LEU C 4 6.34 38.74 0.90
N GLN C 5 5.40 39.12 1.77
CA GLN C 5 5.75 39.95 2.91
C GLN C 5 5.21 39.31 4.18
N GLN C 6 5.99 39.37 5.26
CA GLN C 6 5.58 38.82 6.54
C GLN C 6 5.23 39.95 7.52
N SER C 7 5.03 39.61 8.78
CA SER C 7 4.81 40.58 9.84
C SER C 7 6.15 41.16 10.31
N GLY C 8 6.10 41.85 11.45
CA GLY C 8 7.29 42.40 12.05
C GLY C 8 8.00 41.42 12.97
N PRO C 9 9.13 41.84 13.53
CA PRO C 9 9.78 41.02 14.55
C PRO C 9 8.97 41.03 15.85
N GLU C 10 9.22 40.05 16.70
CA GLU C 10 8.48 39.95 17.96
C GLU C 10 9.27 39.18 19.00
N LEU C 11 9.21 39.65 20.25
CA LEU C 11 9.74 38.93 21.39
C LEU C 11 8.62 38.10 22.00
N VAL C 12 8.98 36.94 22.56
CA VAL C 12 8.02 35.95 23.02
C VAL C 12 8.26 35.61 24.47
N LYS C 13 7.14 35.60 25.31
CA LYS C 13 7.18 35.02 26.64
C LYS C 13 6.96 33.51 26.57
N PRO C 14 7.65 32.74 27.40
CA PRO C 14 7.57 31.27 27.31
C PRO C 14 6.17 30.75 27.67
N GLY C 15 5.65 29.89 26.80
CA GLY C 15 4.30 29.39 26.96
C GLY C 15 3.27 30.36 26.43
N ALA C 16 3.34 30.68 25.14
CA ALA C 16 2.39 31.57 24.50
C ALA C 16 2.32 31.24 23.02
N SER C 17 1.34 31.83 22.33
CA SER C 17 1.11 31.56 20.92
C SER C 17 1.27 32.84 20.12
N VAL C 18 1.95 32.74 18.98
CA VAL C 18 2.18 33.86 18.07
C VAL C 18 1.67 33.46 16.69
N LYS C 19 0.92 34.34 16.04
CA LYS C 19 0.42 34.12 14.69
C LYS C 19 1.32 34.89 13.73
N ILE C 20 2.12 34.16 12.94
CA ILE C 20 3.02 34.79 11.97
C ILE C 20 2.28 34.90 10.65
N SER C 21 2.04 36.12 10.19
CA SER C 21 1.38 36.33 8.92
C SER C 21 2.34 36.09 7.76
N CYS C 22 1.77 35.94 6.56
CA CYS C 22 2.54 35.96 5.32
C CYS C 22 1.58 36.39 4.20
N LYS C 23 1.64 37.66 3.84
CA LYS C 23 0.75 38.23 2.84
C LYS C 23 1.40 38.11 1.48
N THR C 24 0.83 37.31 0.60
CA THR C 24 1.35 37.12 -0.75
C THR C 24 0.63 38.04 -1.71
N SER C 25 1.29 38.38 -2.82
CA SER C 25 0.74 39.30 -3.80
C SER C 25 1.49 39.13 -5.11
N GLY C 26 0.77 38.72 -6.15
CA GLY C 26 1.35 38.70 -7.47
C GLY C 26 1.08 37.50 -8.33
N TYR C 27 0.37 36.49 -7.80
CA TYR C 27 0.08 35.30 -8.59
C TYR C 27 -1.22 34.69 -8.11
N THR C 28 -1.69 33.71 -8.87
CA THR C 28 -2.90 32.98 -8.51
C THR C 28 -2.63 32.11 -7.29
N PHE C 29 -3.41 32.32 -6.23
CA PHE C 29 -3.11 31.77 -4.92
C PHE C 29 -3.22 30.25 -4.88
N THR C 30 -4.21 29.69 -5.56
CA THR C 30 -4.52 28.27 -5.41
C THR C 30 -3.75 27.39 -6.37
N GLU C 31 -2.61 27.83 -6.89
CA GLU C 31 -1.78 27.00 -7.76
C GLU C 31 -0.37 26.83 -7.23
N TYR C 32 -0.11 27.21 -5.99
CA TYR C 32 1.25 27.25 -5.48
C TYR C 32 1.21 27.07 -3.96
N THR C 33 2.06 26.19 -3.44
CA THR C 33 2.12 25.97 -2.01
C THR C 33 2.88 27.09 -1.32
N LEU C 34 2.73 27.18 0.01
CA LEU C 34 3.50 28.09 0.86
C LEU C 34 4.13 27.30 1.99
N HIS C 35 5.42 27.03 1.87
CA HIS C 35 6.13 26.33 2.92
C HIS C 35 6.73 27.31 3.91
N TRP C 36 7.09 26.82 5.08
CA TRP C 36 7.73 27.65 6.10
C TRP C 36 9.05 27.00 6.50
N VAL C 37 10.07 27.84 6.68
CA VAL C 37 11.42 27.38 6.96
C VAL C 37 11.93 28.13 8.19
N LYS C 38 12.50 27.39 9.13
CA LYS C 38 13.04 27.95 10.37
C LYS C 38 14.56 27.88 10.35
N GLN C 39 15.20 28.98 10.73
CA GLN C 39 16.65 29.06 10.79
C GLN C 39 17.06 29.80 12.05
N SER C 40 17.93 29.20 12.85
CA SER C 40 18.19 29.64 14.21
C SER C 40 19.61 30.20 14.35
N HIS C 41 19.77 31.50 14.02
CA HIS C 41 21.00 32.27 14.25
C HIS C 41 22.25 31.62 13.65
N GLY C 42 22.26 31.47 12.33
CA GLY C 42 23.42 30.94 11.66
C GLY C 42 23.51 29.43 11.65
N LYS C 43 22.54 28.73 12.24
CA LYS C 43 22.48 27.28 12.11
C LYS C 43 21.89 26.90 10.77
N SER C 44 21.74 25.59 10.56
CA SER C 44 21.23 25.06 9.32
C SER C 44 19.75 25.34 9.18
N LEU C 45 19.32 25.51 7.93
CA LEU C 45 17.90 25.70 7.65
C LEU C 45 17.15 24.39 7.83
N GLU C 46 15.94 24.47 8.38
CA GLU C 46 15.11 23.30 8.58
C GLU C 46 13.71 23.56 8.04
N TRP C 47 13.11 22.53 7.45
CA TRP C 47 11.81 22.66 6.80
C TRP C 47 10.71 22.35 7.81
N ILE C 48 9.79 23.30 8.01
CA ILE C 48 8.68 23.06 8.93
C ILE C 48 7.60 22.25 8.23
N GLY C 49 7.07 22.77 7.13
CA GLY C 49 5.96 22.15 6.43
C GLY C 49 5.16 23.19 5.68
N GLY C 50 4.40 22.72 4.69
CA GLY C 50 3.72 23.62 3.79
C GLY C 50 2.25 23.26 3.63
N PHE C 51 1.47 24.30 3.32
CA PHE C 51 0.04 24.17 3.07
C PHE C 51 -0.21 23.91 1.58
N ASP C 52 -1.35 23.29 1.30
CA ASP C 52 -1.78 23.02 -0.07
C ASP C 52 -3.16 23.62 -0.28
N PRO C 53 -3.25 24.85 -0.83
CA PRO C 53 -4.50 25.61 -0.77
C PRO C 53 -5.64 25.05 -1.61
N ASN C 54 -5.33 24.29 -2.65
CA ASN C 54 -6.40 23.66 -3.42
C ASN C 54 -6.97 22.45 -2.69
N PHE C 55 -6.13 21.76 -1.92
CA PHE C 55 -6.61 20.61 -1.15
C PHE C 55 -7.12 21.03 0.22
N GLY C 56 -6.42 21.95 0.87
CA GLY C 56 -6.82 22.38 2.19
C GLY C 56 -6.17 21.63 3.33
N GLY C 57 -4.95 21.16 3.15
CA GLY C 57 -4.24 20.46 4.22
C GLY C 57 -2.81 20.94 4.37
N ALA C 58 -2.02 20.26 5.19
CA ALA C 58 -0.65 20.67 5.43
C ALA C 58 0.19 19.44 5.76
N THR C 59 1.49 19.54 5.52
CA THR C 59 2.41 18.41 5.62
C THR C 59 3.54 18.79 6.54
N TYR C 60 3.38 18.57 7.84
CA TYR C 60 4.41 19.01 8.77
C TYR C 60 5.55 18.02 8.84
N ASN C 61 6.73 18.53 9.15
CA ASN C 61 7.84 17.69 9.53
C ASN C 61 7.53 17.03 10.87
N LEU C 62 8.03 15.81 11.06
CA LEU C 62 7.58 15.01 12.20
C LEU C 62 8.15 15.51 13.50
N LYS C 63 9.21 16.32 13.46
CA LYS C 63 9.68 17.01 14.65
C LYS C 63 8.93 18.31 14.92
N PHE C 64 7.89 18.61 14.14
CA PHE C 64 7.13 19.83 14.33
C PHE C 64 5.63 19.61 14.28
N GLU C 65 5.16 18.38 14.45
CA GLU C 65 3.72 18.13 14.53
C GLU C 65 3.13 18.64 15.84
N ASP C 66 3.96 18.77 16.88
CA ASP C 66 3.50 19.12 18.21
C ASP C 66 3.30 20.62 18.38
N LYS C 67 4.15 21.44 17.77
CA LYS C 67 4.21 22.86 18.09
C LYS C 67 3.81 23.77 16.94
N ALA C 68 3.59 23.24 15.74
CA ALA C 68 3.29 24.06 14.58
C ALA C 68 1.91 23.76 14.06
N THR C 69 1.29 24.75 13.43
CA THR C 69 0.06 24.56 12.66
C THR C 69 0.02 25.60 11.57
N LEU C 70 -0.66 25.28 10.46
CA LEU C 70 -0.73 26.13 9.29
C LEU C 70 -2.19 26.36 8.92
N THR C 71 -2.63 27.62 8.96
CA THR C 71 -3.96 28.00 8.55
C THR C 71 -3.84 29.13 7.53
N VAL C 72 -4.65 29.08 6.48
CA VAL C 72 -4.64 30.11 5.44
C VAL C 72 -6.00 30.76 5.34
N ASP C 73 -6.04 31.91 4.70
CA ASP C 73 -7.27 32.62 4.36
C ASP C 73 -7.28 32.76 2.84
N LYS C 74 -8.13 31.97 2.19
CA LYS C 74 -8.15 31.95 0.73
C LYS C 74 -8.76 33.22 0.14
N SER C 75 -9.52 33.98 0.93
CA SER C 75 -10.16 35.18 0.40
C SER C 75 -9.19 36.36 0.31
N SER C 76 -8.42 36.62 1.37
CA SER C 76 -7.53 37.77 1.40
C SER C 76 -6.08 37.44 1.06
N ASN C 77 -5.81 36.20 0.62
CA ASN C 77 -4.50 35.75 0.15
C ASN C 77 -3.43 35.89 1.24
N THR C 78 -3.71 35.35 2.41
CA THR C 78 -2.74 35.36 3.50
C THR C 78 -2.59 33.95 4.05
N ALA C 79 -1.38 33.60 4.46
CA ALA C 79 -1.09 32.32 5.08
C ALA C 79 -0.50 32.55 6.46
N TYR C 80 -1.02 31.84 7.45
CA TYR C 80 -0.62 32.02 8.84
C TYR C 80 0.05 30.76 9.38
N MET C 81 0.86 30.96 10.42
CA MET C 81 1.43 29.88 11.19
C MET C 81 1.39 30.26 12.66
N GLU C 82 0.90 29.34 13.48
CA GLU C 82 0.83 29.57 14.92
C GLU C 82 1.73 28.58 15.63
N LEU C 83 2.59 29.08 16.51
CA LEU C 83 3.49 28.25 17.27
C LEU C 83 3.01 28.18 18.71
N ARG C 84 2.74 26.98 19.19
CA ARG C 84 2.31 26.77 20.56
C ARG C 84 3.36 25.94 21.28
N SER C 85 3.25 25.90 22.62
CA SER C 85 3.99 24.97 23.48
C SER C 85 5.50 25.17 23.37
N LEU C 86 5.93 26.40 23.14
CA LEU C 86 7.30 26.66 22.72
C LEU C 86 8.26 26.67 23.90
N THR C 87 9.43 26.08 23.69
CA THR C 87 10.53 26.17 24.63
C THR C 87 11.30 27.45 24.32
N SER C 88 12.42 27.68 25.03
CA SER C 88 13.24 28.83 24.73
C SER C 88 14.21 28.61 23.59
N GLU C 89 14.44 27.37 23.17
CA GLU C 89 15.35 27.12 22.06
C GLU C 89 14.67 27.34 20.72
N ASP C 90 13.34 27.45 20.70
CA ASP C 90 12.58 27.65 19.46
C ASP C 90 12.38 29.15 19.26
N SER C 91 13.50 29.88 19.27
CA SER C 91 13.53 31.31 19.00
C SER C 91 14.51 31.51 17.86
N ALA C 92 14.02 32.04 16.73
CA ALA C 92 14.77 31.97 15.49
C ALA C 92 14.25 33.07 14.56
N VAL C 93 14.57 32.95 13.27
CA VAL C 93 13.93 33.75 12.23
C VAL C 93 13.15 32.78 11.35
N PHE C 94 11.91 33.14 11.04
CA PHE C 94 10.97 32.23 10.40
C PHE C 94 10.68 32.74 8.99
N TYR C 95 10.92 31.88 8.00
CA TYR C 95 10.82 32.27 6.60
C TYR C 95 9.54 31.72 6.00
N CYS C 96 9.09 32.35 4.92
CA CYS C 96 7.83 31.98 4.27
C CYS C 96 8.11 31.76 2.79
N ALA C 97 8.39 30.51 2.44
CA ALA C 97 8.82 30.19 1.08
C ALA C 97 7.63 29.99 0.16
N ARG C 98 7.92 29.69 -1.10
CA ARG C 98 6.89 29.40 -2.08
C ARG C 98 7.34 28.18 -2.87
N GLY C 99 6.47 27.19 -2.99
CA GLY C 99 6.87 25.94 -3.63
C GLY C 99 6.41 25.80 -5.06
N ASP C 100 5.73 24.70 -5.36
CA ASP C 100 5.16 24.44 -6.67
C ASP C 100 3.68 24.12 -6.53
N TYR C 101 3.07 23.58 -7.58
CA TYR C 101 1.73 23.01 -7.47
C TYR C 101 1.75 21.84 -6.51
N GLY C 102 0.58 21.56 -5.92
CA GLY C 102 0.41 20.64 -4.80
C GLY C 102 0.98 19.25 -4.95
N THR C 103 1.67 18.76 -3.91
CA THR C 103 2.41 17.49 -3.89
C THR C 103 3.35 17.33 -5.07
N SER C 104 3.95 18.43 -5.50
CA SER C 104 4.92 18.41 -6.58
C SER C 104 6.09 19.36 -6.30
N TYR C 105 6.21 19.85 -5.08
CA TYR C 105 7.24 20.82 -4.75
C TYR C 105 8.60 20.15 -4.61
N ALA C 106 9.63 20.77 -5.16
CA ALA C 106 10.98 20.30 -4.96
C ALA C 106 11.96 21.43 -4.66
N TYR C 107 11.69 22.64 -5.13
CA TYR C 107 12.51 23.79 -4.84
C TYR C 107 11.65 24.90 -4.27
N PHE C 108 12.29 25.89 -3.66
CA PHE C 108 11.56 27.04 -3.11
C PHE C 108 12.00 28.29 -3.88
N ASP C 109 11.07 28.87 -4.63
CA ASP C 109 11.43 29.94 -5.56
C ASP C 109 11.62 31.28 -4.85
N PHE C 110 10.55 31.83 -4.30
CA PHE C 110 10.53 33.19 -3.78
C PHE C 110 10.34 33.15 -2.27
N TRP C 111 11.08 33.99 -1.56
CA TRP C 111 11.09 33.98 -0.11
C TRP C 111 10.64 35.34 0.42
N GLY C 112 10.35 35.40 1.72
CA GLY C 112 9.90 36.61 2.36
C GLY C 112 11.02 37.24 3.19
N GLN C 113 10.67 38.26 3.96
CA GLN C 113 11.67 38.95 4.77
C GLN C 113 12.09 38.09 5.95
N GLY C 114 11.12 37.59 6.71
CA GLY C 114 11.49 36.76 7.85
C GLY C 114 11.36 37.55 9.12
N THR C 115 10.59 37.00 10.05
CA THR C 115 10.34 37.63 11.35
C THR C 115 11.23 36.95 12.37
N THR C 116 12.19 37.69 12.90
CA THR C 116 13.05 37.14 13.95
C THR C 116 12.24 37.04 15.23
N LEU C 117 12.29 35.86 15.86
CA LEU C 117 11.51 35.55 17.04
C LEU C 117 12.47 35.29 18.19
N THR C 118 12.27 35.98 19.31
CA THR C 118 13.14 35.85 20.47
C THR C 118 12.32 35.46 21.67
N VAL C 119 12.85 34.54 22.47
CA VAL C 119 12.20 34.08 23.69
C VAL C 119 13.01 34.55 24.88
N SER C 120 12.37 35.33 25.76
CA SER C 120 12.97 35.70 27.03
C SER C 120 11.85 35.99 28.02
N SER C 121 12.22 36.55 29.16
CA SER C 121 11.24 36.95 30.16
C SER C 121 10.88 38.42 29.98
N ASP D 1 -5.68 -23.04 23.03
CA ASP D 1 -4.42 -23.72 23.19
C ASP D 1 -4.31 -24.97 22.32
N ILE D 2 -4.04 -24.79 21.03
CA ILE D 2 -3.70 -25.92 20.20
C ILE D 2 -2.30 -26.40 20.60
N GLN D 3 -2.18 -27.71 20.84
CA GLN D 3 -0.90 -28.30 21.21
C GLN D 3 -0.55 -29.35 20.17
N MET D 4 0.57 -29.14 19.47
CA MET D 4 1.01 -30.05 18.43
C MET D 4 1.60 -31.29 19.07
N THR D 5 1.31 -32.45 18.49
CA THR D 5 1.73 -33.74 19.03
C THR D 5 2.65 -34.40 18.02
N GLN D 6 3.95 -34.09 18.12
CA GLN D 6 4.92 -34.66 17.20
C GLN D 6 5.26 -36.05 17.69
N THR D 7 5.31 -37.01 16.76
CA THR D 7 5.23 -38.42 17.15
C THR D 7 6.55 -38.97 17.68
N THR D 8 7.68 -38.56 17.11
CA THR D 8 8.96 -39.22 17.39
C THR D 8 9.90 -38.18 17.99
N SER D 9 10.93 -38.64 18.71
CA SER D 9 11.97 -37.75 19.20
C SER D 9 13.32 -38.04 18.55
N SER D 10 13.44 -39.12 17.80
CA SER D 10 14.71 -39.48 17.17
C SER D 10 14.44 -40.39 15.99
N LEU D 11 14.99 -40.03 14.83
CA LEU D 11 14.79 -40.78 13.60
C LEU D 11 16.12 -40.86 12.86
N SER D 12 16.46 -42.07 12.41
CA SER D 12 17.76 -42.33 11.84
C SER D 12 17.64 -43.14 10.56
N ALA D 13 18.49 -42.82 9.59
CA ALA D 13 18.63 -43.58 8.36
C ALA D 13 20.01 -43.30 7.81
N SER D 14 20.23 -43.66 6.54
CA SER D 14 21.52 -43.41 5.91
C SER D 14 21.34 -42.52 4.69
N LEU D 15 22.43 -42.25 3.98
CA LEU D 15 22.37 -41.41 2.79
C LEU D 15 21.65 -42.13 1.67
N GLY D 16 20.99 -41.36 0.80
CA GLY D 16 20.21 -41.93 -0.27
C GLY D 16 18.80 -42.32 0.11
N ASP D 17 18.47 -42.31 1.40
CA ASP D 17 17.19 -42.80 1.85
C ASP D 17 16.12 -41.71 1.75
N ARG D 18 14.87 -42.14 1.77
CA ARG D 18 13.73 -41.23 1.72
C ARG D 18 13.01 -41.32 3.06
N VAL D 19 13.05 -40.24 3.83
CA VAL D 19 12.59 -40.23 5.21
C VAL D 19 11.50 -39.19 5.36
N THR D 20 10.36 -39.61 5.92
CA THR D 20 9.27 -38.72 6.24
C THR D 20 9.22 -38.47 7.74
N ILE D 21 8.69 -37.30 8.12
CA ILE D 21 8.56 -36.88 9.51
C ILE D 21 7.15 -36.35 9.70
N SER D 22 6.42 -36.92 10.66
CA SER D 22 5.02 -36.61 10.85
C SER D 22 4.81 -35.72 12.07
N CYS D 23 3.67 -35.02 12.07
CA CYS D 23 3.29 -34.07 13.09
C CYS D 23 1.78 -33.92 13.06
N ARG D 24 1.13 -34.15 14.20
CA ARG D 24 -0.32 -34.22 14.27
C ARG D 24 -0.85 -33.11 15.15
N ALA D 25 -1.81 -32.35 14.62
CA ALA D 25 -2.38 -31.20 15.29
C ALA D 25 -3.53 -31.63 16.20
N SER D 26 -3.84 -30.77 17.18
CA SER D 26 -4.92 -31.07 18.12
C SER D 26 -6.28 -30.86 17.47
N GLN D 27 -6.59 -29.62 17.12
CA GLN D 27 -7.85 -29.29 16.49
C GLN D 27 -7.68 -29.26 14.98
N ASP D 28 -8.64 -28.66 14.29
CA ASP D 28 -8.56 -28.38 12.87
C ASP D 28 -7.81 -27.07 12.72
N ILE D 29 -6.54 -27.12 12.33
CA ILE D 29 -5.76 -25.91 12.17
C ILE D 29 -5.87 -25.34 10.76
N SER D 30 -6.44 -26.09 9.82
CA SER D 30 -6.93 -25.58 8.53
C SER D 30 -5.83 -24.99 7.67
N ASN D 31 -4.75 -25.76 7.51
CA ASN D 31 -3.67 -25.51 6.54
C ASN D 31 -2.93 -24.20 6.84
N TYR D 32 -2.39 -24.10 8.04
CA TYR D 32 -1.52 -22.98 8.42
C TYR D 32 -0.37 -23.47 9.27
N LEU D 33 0.29 -24.54 8.82
CA LEU D 33 1.35 -25.21 9.54
C LEU D 33 2.68 -25.03 8.80
N ASN D 34 3.72 -24.66 9.53
CA ASN D 34 5.05 -24.44 8.98
C ASN D 34 5.92 -25.67 9.23
N TRP D 35 7.20 -25.56 8.88
CA TRP D 35 8.18 -26.60 9.17
C TRP D 35 9.54 -25.91 9.29
N TYR D 36 10.26 -26.18 10.37
CA TYR D 36 11.53 -25.53 10.59
C TYR D 36 12.67 -26.54 10.64
N GLN D 37 13.89 -26.03 10.82
CA GLN D 37 15.10 -26.83 10.66
C GLN D 37 16.21 -26.18 11.45
N GLN D 38 16.84 -26.95 12.35
CA GLN D 38 17.81 -26.41 13.30
C GLN D 38 19.07 -27.26 13.28
N LYS D 39 20.10 -26.77 12.59
CA LYS D 39 21.42 -27.36 12.69
C LYS D 39 21.96 -27.13 14.10
N PRO D 40 22.77 -28.07 14.63
CA PRO D 40 23.00 -28.11 16.08
C PRO D 40 23.80 -26.95 16.66
N ASP D 41 24.43 -26.13 15.83
CA ASP D 41 25.13 -24.97 16.34
C ASP D 41 24.18 -23.90 16.86
N GLY D 42 22.93 -23.91 16.41
CA GLY D 42 21.93 -22.97 16.88
C GLY D 42 21.21 -22.21 15.80
N THR D 43 21.66 -22.31 14.55
CA THR D 43 21.00 -21.58 13.46
C THR D 43 19.68 -22.27 13.15
N VAL D 44 18.64 -21.46 12.95
CA VAL D 44 17.30 -21.94 12.63
C VAL D 44 16.87 -21.24 11.35
N LYS D 45 16.32 -22.00 10.40
CA LYS D 45 15.78 -21.38 9.19
C LYS D 45 14.56 -22.15 8.74
N LEU D 46 13.64 -21.42 8.10
CA LEU D 46 12.36 -22.00 7.70
C LEU D 46 12.54 -22.83 6.44
N LEU D 47 11.72 -23.87 6.30
CA LEU D 47 11.77 -24.73 5.13
C LEU D 47 10.52 -24.60 4.26
N ILE D 48 9.34 -24.92 4.76
CA ILE D 48 8.09 -24.68 4.04
C ILE D 48 7.17 -23.90 4.96
N TYR D 49 6.48 -22.90 4.42
CA TYR D 49 5.69 -22.04 5.30
C TYR D 49 4.22 -22.44 5.33
N TYR D 50 3.54 -22.37 4.20
CA TYR D 50 2.22 -22.95 4.07
C TYR D 50 2.42 -24.46 3.99
N THR D 51 1.38 -25.22 4.34
CA THR D 51 1.50 -26.67 4.32
C THR D 51 1.67 -27.20 2.91
N SER D 52 0.92 -26.62 1.97
CA SER D 52 0.85 -27.10 0.60
C SER D 52 2.05 -26.61 -0.19
N ARG D 53 3.22 -27.15 0.14
CA ARG D 53 4.45 -27.23 -0.67
C ARG D 53 5.19 -25.88 -0.83
N LEU D 54 4.59 -24.76 -0.46
CA LEU D 54 5.20 -23.44 -0.69
C LEU D 54 6.44 -23.27 0.17
N HIS D 55 7.62 -23.47 -0.41
CA HIS D 55 8.88 -23.38 0.29
C HIS D 55 9.65 -22.11 -0.09
N SER D 56 10.56 -21.72 0.80
CA SER D 56 11.20 -20.40 0.77
C SER D 56 12.73 -20.54 0.66
N GLY D 57 13.24 -20.53 -0.57
CA GLY D 57 14.66 -20.44 -0.84
C GLY D 57 15.49 -21.66 -0.49
N VAL D 58 14.88 -22.84 -0.43
CA VAL D 58 15.57 -24.06 -0.01
C VAL D 58 15.75 -24.97 -1.22
N PRO D 59 16.58 -26.02 -1.14
CA PRO D 59 16.57 -27.06 -2.18
C PRO D 59 15.22 -27.75 -2.29
N SER D 60 14.93 -28.25 -3.49
CA SER D 60 13.59 -28.73 -3.82
C SER D 60 13.34 -30.16 -3.38
N ARG D 61 14.13 -30.70 -2.44
CA ARG D 61 13.83 -32.01 -1.89
C ARG D 61 12.73 -31.93 -0.83
N PHE D 62 12.79 -30.91 0.02
CA PHE D 62 11.83 -30.74 1.11
C PHE D 62 10.48 -30.34 0.54
N SER D 63 9.49 -31.21 0.68
CA SER D 63 8.13 -30.88 0.26
C SER D 63 7.15 -31.65 1.14
N GLY D 64 6.45 -30.93 2.02
CA GLY D 64 5.48 -31.52 2.90
C GLY D 64 4.08 -31.54 2.30
N SER D 65 3.18 -32.20 3.01
CA SER D 65 1.82 -32.38 2.54
C SER D 65 0.91 -32.61 3.74
N GLY D 66 -0.36 -32.89 3.47
CA GLY D 66 -1.34 -33.17 4.49
C GLY D 66 -2.39 -32.08 4.55
N SER D 67 -3.51 -32.42 5.19
CA SER D 67 -4.59 -31.46 5.40
C SER D 67 -5.42 -31.92 6.58
N GLY D 68 -6.29 -31.02 7.05
CA GLY D 68 -7.17 -31.36 8.16
C GLY D 68 -6.52 -31.15 9.51
N THR D 69 -6.01 -32.24 10.09
CA THR D 69 -5.26 -32.17 11.34
C THR D 69 -4.01 -33.04 11.35
N ASP D 70 -3.75 -33.79 10.28
CA ASP D 70 -2.56 -34.63 10.18
C ASP D 70 -1.68 -34.10 9.05
N TYR D 71 -0.41 -33.86 9.35
CA TYR D 71 0.55 -33.31 8.41
C TYR D 71 1.84 -34.10 8.48
N SER D 72 2.67 -33.97 7.44
CA SER D 72 3.94 -34.68 7.39
C SER D 72 4.89 -34.01 6.42
N LEU D 73 6.11 -33.71 6.87
CA LEU D 73 7.20 -33.32 6.00
C LEU D 73 8.00 -34.54 5.57
N THR D 74 8.60 -34.46 4.39
CA THR D 74 9.45 -35.54 3.91
C THR D 74 10.58 -34.96 3.07
N ILE D 75 11.70 -35.66 3.05
CA ILE D 75 12.83 -35.33 2.20
C ILE D 75 12.93 -36.40 1.13
N SER D 76 13.17 -35.97 -0.12
CA SER D 76 13.32 -36.94 -1.20
C SER D 76 14.59 -37.76 -1.04
N ASN D 77 15.73 -37.10 -1.02
CA ASN D 77 17.02 -37.72 -0.77
C ASN D 77 17.83 -36.82 0.15
N LEU D 78 18.40 -37.39 1.19
CA LEU D 78 19.11 -36.60 2.19
C LEU D 78 20.61 -36.81 2.08
N GLU D 79 21.36 -35.84 2.59
CA GLU D 79 22.81 -35.84 2.56
C GLU D 79 23.31 -35.44 3.93
N GLN D 80 24.61 -35.11 4.01
CA GLN D 80 25.16 -34.68 5.28
C GLN D 80 24.78 -33.25 5.65
N GLU D 81 24.17 -32.50 4.73
CA GLU D 81 23.66 -31.18 5.09
C GLU D 81 22.31 -31.30 5.80
N ASP D 82 21.65 -32.45 5.66
CA ASP D 82 20.28 -32.61 6.13
C ASP D 82 20.24 -33.34 7.47
N ILE D 83 20.78 -32.68 8.51
CA ILE D 83 20.80 -33.21 9.87
C ILE D 83 20.36 -32.10 10.80
N ALA D 84 19.21 -32.28 11.45
CA ALA D 84 18.58 -31.23 12.26
C ALA D 84 17.47 -31.84 13.09
N THR D 85 16.86 -31.00 13.93
CA THR D 85 15.61 -31.29 14.61
C THR D 85 14.51 -30.44 13.97
N TYR D 86 13.46 -31.08 13.49
CA TYR D 86 12.52 -30.44 12.58
C TYR D 86 11.22 -30.15 13.33
N PHE D 87 10.98 -28.88 13.62
CA PHE D 87 9.78 -28.44 14.32
C PHE D 87 8.61 -28.27 13.35
N CYS D 88 7.40 -28.47 13.85
CA CYS D 88 6.21 -28.00 13.18
C CYS D 88 5.62 -26.86 14.00
N GLN D 89 4.59 -26.21 13.45
CA GLN D 89 4.08 -24.98 14.02
C GLN D 89 2.62 -24.83 13.65
N GLN D 90 1.91 -23.96 14.36
CA GLN D 90 0.52 -23.65 14.03
C GLN D 90 0.35 -22.14 14.01
N GLY D 91 -0.49 -21.65 13.10
CA GLY D 91 -0.59 -20.22 12.88
C GLY D 91 -1.97 -19.61 12.94
N THR D 92 -2.95 -20.28 13.57
CA THR D 92 -4.31 -19.76 13.52
C THR D 92 -4.80 -19.20 14.84
N THR D 93 -4.20 -19.56 15.97
CA THR D 93 -4.59 -18.98 17.24
C THR D 93 -3.37 -18.79 18.14
N LEU D 94 -3.49 -17.85 19.06
CA LEU D 94 -2.45 -17.60 20.04
C LEU D 94 -2.63 -18.53 21.23
N PRO D 95 -1.56 -19.05 21.82
CA PRO D 95 -0.15 -18.85 21.46
C PRO D 95 0.30 -19.78 20.35
N TYR D 96 1.30 -19.34 19.59
CA TYR D 96 1.94 -20.23 18.63
C TYR D 96 2.70 -21.32 19.37
N THR D 97 2.20 -22.55 19.28
CA THR D 97 2.79 -23.66 20.02
C THR D 97 3.51 -24.56 19.04
N PHE D 98 4.79 -24.80 19.31
CA PHE D 98 5.65 -25.57 18.43
C PHE D 98 5.59 -27.04 18.79
N GLY D 99 6.11 -27.87 17.89
CA GLY D 99 6.19 -29.29 18.10
C GLY D 99 7.40 -29.68 18.93
N GLY D 100 7.60 -30.99 19.06
CA GLY D 100 8.67 -31.51 19.89
C GLY D 100 10.02 -31.49 19.22
N GLY D 101 10.12 -32.10 18.05
CA GLY D 101 11.38 -32.16 17.34
C GLY D 101 11.92 -33.56 17.13
N THR D 102 12.11 -33.96 15.88
CA THR D 102 12.63 -35.27 15.52
C THR D 102 14.10 -35.10 15.16
N LYS D 103 14.99 -35.53 16.05
CA LYS D 103 16.43 -35.42 15.82
C LYS D 103 16.86 -36.38 14.73
N LEU D 104 17.55 -35.88 13.72
CA LEU D 104 18.11 -36.74 12.69
C LEU D 104 19.58 -37.01 12.96
N GLU D 105 20.01 -38.25 12.68
CA GLU D 105 21.42 -38.60 12.73
C GLU D 105 21.62 -39.82 11.83
N ILE D 106 22.76 -39.84 11.13
CA ILE D 106 23.02 -40.88 10.13
C ILE D 106 23.27 -42.20 10.82
N LYS D 107 22.55 -43.23 10.39
CA LYS D 107 22.74 -44.58 10.91
C LYS D 107 24.00 -45.21 10.34
N GLN E 1 20.93 -7.81 2.01
CA GLN E 1 20.58 -9.00 2.79
C GLN E 1 20.19 -8.55 4.19
N VAL E 2 19.34 -9.34 4.85
CA VAL E 2 18.80 -9.02 6.17
C VAL E 2 19.23 -10.08 7.16
N GLN E 3 19.76 -9.65 8.30
CA GLN E 3 20.17 -10.54 9.38
C GLN E 3 19.75 -9.95 10.72
N LEU E 4 19.49 -10.82 11.68
CA LEU E 4 19.12 -10.41 13.04
C LEU E 4 20.25 -10.85 13.96
N GLN E 5 21.10 -9.92 14.34
CA GLN E 5 22.20 -10.23 15.24
C GLN E 5 21.76 -10.07 16.69
N GLN E 6 22.09 -11.06 17.51
CA GLN E 6 21.65 -11.09 18.90
C GLN E 6 22.86 -10.98 19.82
N SER E 7 22.57 -10.85 21.12
CA SER E 7 23.61 -10.61 22.11
C SER E 7 24.42 -11.88 22.38
N GLY E 8 25.41 -11.73 23.27
CA GLY E 8 26.20 -12.86 23.71
C GLY E 8 25.63 -13.54 24.93
N ALA E 9 26.31 -14.59 25.37
CA ALA E 9 25.86 -15.37 26.52
C ALA E 9 25.98 -14.55 27.79
N GLU E 10 25.16 -14.89 28.79
CA GLU E 10 25.05 -14.09 30.00
C GLU E 10 25.16 -14.96 31.24
N LEU E 11 25.33 -14.31 32.38
CA LEU E 11 25.30 -14.91 33.70
C LEU E 11 24.39 -14.09 34.60
N ALA E 12 23.57 -14.77 35.40
CA ALA E 12 22.62 -14.08 36.26
C ALA E 12 22.46 -14.83 37.57
N ARG E 13 22.31 -14.06 38.64
CA ARG E 13 22.04 -14.65 39.94
C ARG E 13 20.55 -14.66 40.21
N PRO E 14 20.03 -15.60 41.00
CA PRO E 14 18.59 -15.61 41.31
C PRO E 14 18.19 -14.41 42.15
N GLY E 15 17.28 -13.61 41.61
CA GLY E 15 16.86 -12.35 42.21
C GLY E 15 17.16 -11.13 41.36
N ALA E 16 18.08 -11.23 40.41
CA ALA E 16 18.47 -10.12 39.57
C ALA E 16 17.61 -10.10 38.30
N SER E 17 18.05 -9.33 37.31
CA SER E 17 17.30 -9.18 36.06
C SER E 17 18.26 -9.04 34.89
N VAL E 18 17.90 -9.65 33.77
CA VAL E 18 18.63 -9.48 32.52
C VAL E 18 17.75 -8.77 31.51
N LYS E 19 18.39 -8.02 30.62
CA LYS E 19 17.70 -7.33 29.53
C LYS E 19 18.41 -7.68 28.24
N LEU E 20 17.86 -8.63 27.49
CA LEU E 20 18.49 -9.09 26.27
C LEU E 20 18.20 -8.12 25.12
N SER E 21 18.87 -8.35 23.99
CA SER E 21 18.80 -7.45 22.86
C SER E 21 18.95 -8.24 21.56
N CYS E 22 18.16 -7.82 20.56
CA CYS E 22 18.19 -8.41 19.21
C CYS E 22 18.12 -7.24 18.23
N LYS E 23 19.26 -6.91 17.62
CA LYS E 23 19.36 -5.74 16.76
C LYS E 23 18.92 -6.10 15.35
N ALA E 24 17.72 -5.66 15.00
CA ALA E 24 17.18 -5.91 13.66
C ALA E 24 17.63 -4.83 12.70
N SER E 25 18.38 -5.22 11.69
CA SER E 25 18.80 -4.29 10.66
C SER E 25 18.91 -5.05 9.35
N GLY E 26 18.28 -4.51 8.32
CA GLY E 26 18.14 -5.18 7.04
C GLY E 26 16.74 -5.13 6.47
N TYR E 27 15.74 -4.82 7.28
CA TYR E 27 14.39 -4.57 6.80
C TYR E 27 13.78 -3.49 7.67
N THR E 28 12.54 -3.12 7.36
CA THR E 28 11.86 -2.05 8.09
C THR E 28 11.42 -2.61 9.43
N PHE E 29 12.09 -2.19 10.51
CA PHE E 29 11.84 -2.74 11.82
C PHE E 29 10.50 -2.27 12.38
N THR E 30 10.11 -1.04 12.07
CA THR E 30 8.91 -0.47 12.66
C THR E 30 7.63 -0.83 11.92
N PHE E 31 7.63 -1.84 11.05
CA PHE E 31 6.44 -2.20 10.30
C PHE E 31 5.89 -3.57 10.66
N TYR E 32 6.71 -4.49 11.13
CA TYR E 32 6.29 -5.85 11.38
C TYR E 32 6.58 -6.25 12.81
N TRP E 33 5.95 -7.33 13.24
CA TRP E 33 6.10 -7.82 14.60
C TRP E 33 7.49 -8.41 14.82
N MET E 34 7.88 -8.46 16.09
CA MET E 34 9.13 -9.11 16.52
C MET E 34 8.78 -10.05 17.65
N GLN E 35 9.05 -11.35 17.46
CA GLN E 35 8.54 -12.38 18.35
C GLN E 35 9.69 -13.08 19.05
N TRP E 36 9.64 -13.10 20.38
CA TRP E 36 10.66 -13.75 21.18
C TRP E 36 10.29 -15.19 21.45
N LEU E 37 11.27 -16.07 21.40
CA LEU E 37 11.05 -17.50 21.59
C LEU E 37 12.02 -18.05 22.61
N LYS E 38 11.61 -19.12 23.28
CA LYS E 38 12.36 -19.68 24.41
C LYS E 38 12.54 -21.18 24.17
N GLN E 39 13.76 -21.67 24.32
CA GLN E 39 14.06 -23.08 24.12
C GLN E 39 14.78 -23.62 25.35
N ARG E 40 14.05 -24.35 26.19
CA ARG E 40 14.68 -25.15 27.21
C ARG E 40 15.40 -26.32 26.55
N PRO E 41 16.58 -26.70 27.04
CA PRO E 41 17.45 -27.64 26.30
C PRO E 41 16.88 -29.05 26.31
N GLY E 42 16.70 -29.60 25.11
CA GLY E 42 16.05 -30.88 24.94
C GLY E 42 14.58 -30.81 24.64
N GLN E 43 13.97 -29.63 24.67
CA GLN E 43 12.55 -29.49 24.39
C GLN E 43 12.31 -28.49 23.27
N GLY E 44 11.07 -28.41 22.79
CA GLY E 44 10.74 -27.54 21.70
C GLY E 44 10.64 -26.08 22.11
N LEU E 45 10.44 -25.23 21.12
CA LEU E 45 10.34 -23.81 21.37
C LEU E 45 9.01 -23.47 22.03
N GLU E 46 9.02 -22.40 22.82
CA GLU E 46 7.83 -21.90 23.47
C GLU E 46 7.74 -20.41 23.19
N TRP E 47 6.61 -19.96 22.66
CA TRP E 47 6.43 -18.57 22.29
C TRP E 47 6.24 -17.69 23.52
N ILE E 48 7.21 -16.81 23.79
CA ILE E 48 7.11 -15.91 24.94
C ILE E 48 6.13 -14.79 24.65
N GLY E 49 6.30 -14.13 23.51
CA GLY E 49 5.43 -13.02 23.17
C GLY E 49 5.86 -12.37 21.86
N ALA E 50 5.30 -11.21 21.61
CA ALA E 50 5.63 -10.46 20.41
C ALA E 50 5.44 -8.99 20.71
N ILE E 51 6.04 -8.14 19.87
CA ILE E 51 5.94 -6.70 20.04
C ILE E 51 5.89 -6.03 18.68
N TYR E 52 4.90 -5.13 18.51
CA TYR E 52 4.80 -4.28 17.34
C TYR E 52 5.50 -2.96 17.65
N PRO E 53 6.69 -2.71 17.10
CA PRO E 53 7.46 -1.54 17.55
C PRO E 53 6.93 -0.22 17.02
N GLY E 54 5.98 -0.23 16.10
CA GLY E 54 5.45 0.98 15.54
C GLY E 54 4.66 1.83 16.53
N ASP E 55 3.77 1.19 17.28
CA ASP E 55 3.04 1.87 18.34
C ASP E 55 3.45 1.40 19.72
N GLY E 56 4.24 0.33 19.82
CA GLY E 56 4.59 -0.23 21.11
C GLY E 56 3.43 -0.98 21.72
N ASP E 57 3.02 -2.06 21.08
CA ASP E 57 1.95 -2.92 21.57
C ASP E 57 2.52 -4.30 21.82
N THR E 58 2.03 -4.98 22.85
CA THR E 58 2.55 -6.26 23.28
C THR E 58 1.50 -7.35 23.15
N ARG E 59 1.94 -8.55 22.81
CA ARG E 59 1.10 -9.75 22.85
C ARG E 59 1.80 -10.76 23.74
N TYR E 60 1.61 -10.65 25.06
CA TYR E 60 2.17 -11.61 25.99
C TYR E 60 1.36 -12.89 25.95
N THR E 61 1.99 -13.99 26.35
CA THR E 61 1.26 -15.20 26.64
C THR E 61 0.73 -15.14 28.07
N GLN E 62 0.18 -16.26 28.54
CA GLN E 62 -0.34 -16.29 29.90
C GLN E 62 0.72 -16.65 30.93
N ARG E 63 1.64 -17.55 30.58
CA ARG E 63 2.60 -18.04 31.56
C ARG E 63 3.70 -17.04 31.82
N PHE E 64 4.25 -16.42 30.76
CA PHE E 64 5.36 -15.48 30.88
C PHE E 64 4.88 -14.04 30.99
N LYS E 65 3.69 -13.82 31.55
CA LYS E 65 3.03 -12.53 31.41
C LYS E 65 3.68 -11.47 32.28
N ASP E 66 4.08 -11.82 33.50
CA ASP E 66 4.52 -10.75 34.40
C ASP E 66 6.04 -10.76 34.61
N LYS E 67 6.69 -11.91 34.50
CA LYS E 67 8.15 -11.91 34.65
C LYS E 67 8.83 -11.32 33.41
N ALA E 68 8.33 -11.66 32.22
CA ALA E 68 8.88 -11.14 30.98
C ALA E 68 8.10 -9.92 30.54
N THR E 69 8.82 -8.84 30.25
CA THR E 69 8.19 -7.65 29.72
C THR E 69 8.98 -7.17 28.52
N LEU E 70 8.25 -6.70 27.51
CA LEU E 70 8.81 -6.42 26.19
C LEU E 70 8.79 -4.93 25.92
N THR E 71 9.94 -4.39 25.53
CA THR E 71 10.02 -3.03 25.03
C THR E 71 10.92 -3.03 23.80
N ALA E 72 10.75 -2.02 22.96
CA ALA E 72 11.55 -1.95 21.75
C ALA E 72 11.94 -0.51 21.48
N ASP E 73 13.02 -0.33 20.74
CA ASP E 73 13.58 0.98 20.47
C ASP E 73 13.44 1.24 18.97
N LYS E 74 12.73 2.32 18.61
CA LYS E 74 12.51 2.60 17.20
C LYS E 74 13.74 3.21 16.55
N SER E 75 14.45 4.08 17.26
CA SER E 75 15.57 4.79 16.65
C SER E 75 16.79 3.88 16.51
N SER E 76 17.05 3.07 17.53
CA SER E 76 18.20 2.18 17.54
C SER E 76 17.98 0.91 16.72
N SER E 77 16.73 0.64 16.34
CA SER E 77 16.32 -0.53 15.56
C SER E 77 16.72 -1.83 16.25
N THR E 78 16.25 -1.98 17.49
CA THR E 78 16.48 -3.19 18.25
C THR E 78 15.34 -3.39 19.24
N ALA E 79 15.20 -4.62 19.72
CA ALA E 79 14.10 -4.98 20.62
C ALA E 79 14.67 -5.59 21.89
N TYR E 80 13.97 -5.37 23.01
CA TYR E 80 14.43 -5.78 24.32
C TYR E 80 13.42 -6.69 24.99
N ILE E 81 13.92 -7.69 25.71
CA ILE E 81 13.11 -8.51 26.59
C ILE E 81 13.71 -8.45 27.97
N GLN E 82 12.90 -8.10 28.97
CA GLN E 82 13.39 -7.85 30.32
C GLN E 82 12.83 -8.93 31.23
N LEU E 83 13.65 -9.92 31.56
CA LEU E 83 13.27 -10.97 32.49
C LEU E 83 13.49 -10.46 33.91
N SER E 84 12.45 -10.45 34.72
CA SER E 84 12.55 -10.01 36.11
C SER E 84 12.02 -11.09 37.04
N SER E 85 12.53 -11.06 38.28
CA SER E 85 12.29 -12.06 39.31
C SER E 85 12.68 -13.46 38.82
N LEU E 86 13.97 -13.62 38.53
CA LEU E 86 14.49 -14.84 37.93
C LEU E 86 14.52 -15.97 38.95
N ALA E 87 14.85 -17.15 38.45
CA ALA E 87 14.95 -18.37 39.24
C ALA E 87 15.78 -19.36 38.45
N SER E 88 15.77 -20.63 38.89
CA SER E 88 16.40 -21.69 38.12
C SER E 88 15.48 -22.21 37.02
N GLU E 89 14.30 -21.62 36.86
CA GLU E 89 13.40 -21.94 35.77
C GLU E 89 13.92 -21.49 34.42
N ASP E 90 14.54 -20.32 34.34
CA ASP E 90 14.79 -19.66 33.06
C ASP E 90 16.21 -19.86 32.55
N SER E 91 16.79 -21.04 32.76
CA SER E 91 18.09 -21.38 32.19
C SER E 91 17.89 -22.01 30.83
N ALA E 92 17.76 -21.16 29.80
CA ALA E 92 17.35 -21.64 28.49
C ALA E 92 17.85 -20.66 27.44
N VAL E 93 17.78 -21.09 26.18
CA VAL E 93 18.26 -20.32 25.04
C VAL E 93 17.09 -19.44 24.61
N TYR E 94 17.35 -18.14 24.45
CA TYR E 94 16.31 -17.22 24.02
C TYR E 94 16.58 -16.71 22.61
N TYR E 95 15.57 -16.85 21.75
CA TYR E 95 15.70 -16.53 20.35
C TYR E 95 14.92 -15.26 20.05
N CYS E 96 15.24 -14.64 18.91
CA CYS E 96 14.39 -13.59 18.35
C CYS E 96 14.08 -13.97 16.91
N ALA E 97 12.83 -13.77 16.51
CA ALA E 97 12.40 -14.14 15.17
C ALA E 97 11.24 -13.25 14.75
N GLY E 98 11.16 -13.01 13.44
CA GLY E 98 10.12 -12.15 12.91
C GLY E 98 9.99 -12.33 11.42
N GLY E 99 8.85 -11.88 10.90
CA GLY E 99 8.60 -11.97 9.48
C GLY E 99 7.62 -10.90 9.06
N GLU E 100 7.46 -10.76 7.75
CA GLU E 100 6.55 -9.73 7.24
C GLU E 100 5.10 -10.19 7.28
N TYR E 101 4.81 -11.39 6.80
CA TYR E 101 3.47 -11.94 6.82
C TYR E 101 3.44 -13.08 7.83
N ASP E 102 2.66 -12.90 8.89
CA ASP E 102 2.66 -13.83 10.01
C ASP E 102 1.92 -15.12 9.73
N ASN E 103 0.98 -15.14 8.80
CA ASN E 103 0.29 -16.36 8.42
C ASN E 103 1.15 -17.24 7.51
N TYR E 104 2.30 -16.74 7.05
CA TYR E 104 3.22 -17.48 6.21
C TYR E 104 4.52 -17.77 6.95
N GLY E 105 4.44 -18.12 8.22
CA GLY E 105 5.61 -18.47 8.99
C GLY E 105 6.41 -17.25 9.41
N PHE E 106 7.56 -17.54 10.02
CA PHE E 106 8.50 -16.51 10.46
C PHE E 106 9.76 -16.68 9.64
N ASP E 107 10.08 -15.68 8.82
CA ASP E 107 11.15 -15.82 7.86
C ASP E 107 12.52 -15.70 8.52
N TYR E 108 12.80 -14.57 9.16
CA TYR E 108 14.14 -14.24 9.62
C TYR E 108 14.31 -14.67 11.07
N TRP E 109 15.44 -15.31 11.37
CA TRP E 109 15.69 -15.84 12.70
C TRP E 109 16.98 -15.27 13.26
N GLY E 110 16.98 -15.07 14.58
CA GLY E 110 18.17 -14.61 15.25
C GLY E 110 19.14 -15.73 15.50
N GLN E 111 20.18 -15.42 16.28
CA GLN E 111 21.18 -16.43 16.58
C GLN E 111 20.87 -17.14 17.89
N GLY E 112 20.47 -16.41 18.92
CA GLY E 112 20.11 -17.03 20.18
C GLY E 112 21.15 -16.82 21.25
N THR E 113 20.72 -16.36 22.43
CA THR E 113 21.61 -16.12 23.56
C THR E 113 21.41 -17.21 24.58
N THR E 114 22.50 -17.80 25.05
CA THR E 114 22.43 -18.82 26.09
C THR E 114 22.43 -18.13 27.45
N LEU E 115 21.37 -18.33 28.21
CA LEU E 115 21.23 -17.72 29.53
C LEU E 115 21.41 -18.77 30.61
N THR E 116 22.38 -18.55 31.49
CA THR E 116 22.66 -19.44 32.61
C THR E 116 22.38 -18.70 33.91
N VAL E 117 21.88 -19.42 34.90
CA VAL E 117 21.54 -18.82 36.19
C VAL E 117 22.04 -19.74 37.32
N SER E 118 23.04 -19.26 38.05
CA SER E 118 23.63 -19.94 39.19
C SER E 118 24.42 -18.93 40.01
N SER E 119 25.19 -19.43 40.97
CA SER E 119 26.15 -18.61 41.71
C SER E 119 27.30 -19.46 42.24
N ASP F 1 -30.46 -11.64 -1.47
CA ASP F 1 -31.53 -11.52 -2.44
C ASP F 1 -32.37 -10.27 -2.20
N ILE F 2 -31.82 -9.12 -2.51
CA ILE F 2 -32.59 -7.88 -2.45
C ILE F 2 -33.50 -7.81 -3.67
N GLN F 3 -34.74 -7.40 -3.46
CA GLN F 3 -35.67 -7.18 -4.56
C GLN F 3 -35.58 -5.72 -4.98
N MET F 4 -35.79 -5.47 -6.27
CA MET F 4 -35.83 -4.11 -6.80
C MET F 4 -36.97 -4.03 -7.80
N THR F 5 -37.68 -2.91 -7.80
CA THR F 5 -38.84 -2.75 -8.65
C THR F 5 -38.70 -1.54 -9.55
N GLN F 6 -39.65 -1.40 -10.46
CA GLN F 6 -39.79 -0.21 -11.29
C GLN F 6 -41.25 0.20 -11.32
N SER F 7 -41.49 1.43 -11.81
CA SER F 7 -42.83 1.99 -11.79
C SER F 7 -43.74 1.28 -12.79
N SER F 8 -43.37 1.34 -14.06
CA SER F 8 -44.19 0.74 -15.12
C SER F 8 -43.27 0.00 -16.07
N SER F 9 -43.72 -1.18 -16.51
CA SER F 9 -42.94 -1.93 -17.48
C SER F 9 -43.04 -1.34 -18.88
N TYR F 10 -43.99 -0.44 -19.12
CA TYR F 10 -44.09 0.27 -20.39
C TYR F 10 -44.32 1.73 -20.09
N LEU F 11 -43.41 2.58 -20.54
CA LEU F 11 -43.53 4.02 -20.38
C LEU F 11 -43.34 4.66 -21.75
N SER F 12 -44.43 5.17 -22.31
CA SER F 12 -44.43 5.63 -23.70
C SER F 12 -44.54 7.14 -23.72
N VAL F 13 -43.47 7.80 -24.17
CA VAL F 13 -43.46 9.24 -24.35
C VAL F 13 -43.16 9.52 -25.82
N SER F 14 -43.44 10.75 -26.23
CA SER F 14 -43.24 11.13 -27.63
C SER F 14 -41.78 11.55 -27.86
N LEU F 15 -41.50 11.89 -29.11
CA LEU F 15 -40.13 12.20 -29.52
C LEU F 15 -39.73 13.59 -29.01
N GLY F 16 -38.50 13.67 -28.50
CA GLY F 16 -37.93 14.93 -28.11
C GLY F 16 -38.35 15.48 -26.77
N GLY F 17 -39.25 14.81 -26.06
CA GLY F 17 -39.78 15.28 -24.79
C GLY F 17 -38.88 14.92 -23.62
N ARG F 18 -39.50 14.44 -22.54
CA ARG F 18 -38.76 14.03 -21.36
C ARG F 18 -39.32 12.71 -20.86
N VAL F 19 -38.45 11.87 -20.34
CA VAL F 19 -38.85 10.61 -19.70
C VAL F 19 -38.18 10.56 -18.34
N THR F 20 -38.88 9.99 -17.36
CA THR F 20 -38.37 9.88 -15.99
C THR F 20 -38.66 8.48 -15.48
N ILE F 21 -37.67 7.61 -15.58
CA ILE F 21 -37.77 6.24 -15.10
C ILE F 21 -37.56 6.23 -13.59
N THR F 22 -38.29 5.38 -12.89
CA THR F 22 -38.22 5.29 -11.44
C THR F 22 -37.84 3.87 -11.03
N CYS F 23 -36.89 3.76 -10.10
CA CYS F 23 -36.40 2.48 -9.61
C CYS F 23 -36.31 2.54 -8.09
N LYS F 24 -37.24 1.86 -7.42
CA LYS F 24 -37.19 1.75 -5.96
C LYS F 24 -36.54 0.44 -5.55
N ALA F 25 -35.71 0.51 -4.52
CA ALA F 25 -35.01 -0.65 -3.98
C ALA F 25 -35.63 -1.05 -2.65
N SER F 26 -35.51 -2.33 -2.30
CA SER F 26 -36.08 -2.81 -1.05
C SER F 26 -35.27 -2.36 0.14
N ASP F 27 -34.00 -2.74 0.19
CA ASP F 27 -33.15 -2.53 1.35
C ASP F 27 -32.36 -1.24 1.15
N HIS F 28 -31.57 -0.89 2.16
CA HIS F 28 -30.77 0.32 2.11
C HIS F 28 -29.54 0.10 1.25
N ILE F 29 -29.42 0.87 0.17
CA ILE F 29 -28.20 0.93 -0.63
C ILE F 29 -27.76 2.38 -0.70
N ASN F 30 -26.45 2.58 -0.59
CA ASN F 30 -25.94 3.92 -0.33
C ASN F 30 -25.96 4.78 -1.59
N ASN F 31 -25.11 4.45 -2.54
CA ASN F 31 -25.18 5.02 -3.88
C ASN F 31 -24.92 3.98 -4.95
N TRP F 32 -24.73 2.73 -4.58
CA TRP F 32 -24.21 1.72 -5.50
C TRP F 32 -25.32 1.27 -6.45
N LEU F 33 -25.53 2.07 -7.49
CA LEU F 33 -26.54 1.80 -8.50
C LEU F 33 -25.92 1.88 -9.89
N ALA F 34 -26.44 1.10 -10.82
CA ALA F 34 -26.08 1.19 -12.22
C ALA F 34 -27.35 1.31 -13.07
N TRP F 35 -27.17 1.51 -14.36
CA TRP F 35 -28.28 1.44 -15.30
C TRP F 35 -27.75 0.74 -16.55
N TYR F 36 -28.66 0.26 -17.39
CA TYR F 36 -28.27 -0.34 -18.65
C TYR F 36 -29.24 0.07 -19.73
N GLN F 37 -28.95 -0.38 -20.94
CA GLN F 37 -29.82 -0.14 -22.08
C GLN F 37 -29.66 -1.32 -23.02
N GLN F 38 -30.74 -2.04 -23.26
CA GLN F 38 -30.69 -3.24 -24.09
C GLN F 38 -31.51 -2.98 -25.35
N LYS F 39 -30.82 -2.61 -26.42
CA LYS F 39 -31.56 -2.61 -27.68
C LYS F 39 -31.78 -4.05 -28.14
N PRO F 40 -33.00 -4.36 -28.59
CA PRO F 40 -33.42 -5.77 -28.71
C PRO F 40 -32.63 -6.59 -29.72
N GLY F 41 -32.24 -7.79 -29.31
CA GLY F 41 -31.39 -8.65 -30.10
C GLY F 41 -29.91 -8.51 -29.83
N ASN F 42 -29.52 -7.65 -28.88
CA ASN F 42 -28.12 -7.40 -28.59
C ASN F 42 -27.90 -7.37 -27.09
N ALA F 43 -26.68 -7.22 -26.71
CA ALA F 43 -26.14 -7.20 -25.36
C ALA F 43 -26.32 -5.83 -24.73
N PRO F 44 -26.49 -5.76 -23.42
CA PRO F 44 -26.66 -4.45 -22.76
C PRO F 44 -25.35 -3.68 -22.71
N ARG F 45 -25.46 -2.40 -22.33
CA ARG F 45 -24.28 -1.56 -22.15
C ARG F 45 -24.49 -0.70 -20.91
N LEU F 46 -23.43 -0.53 -20.13
CA LEU F 46 -23.55 0.26 -18.90
C LEU F 46 -23.60 1.74 -19.22
N LEU F 47 -24.62 2.42 -18.71
CA LEU F 47 -24.76 3.85 -18.95
C LEU F 47 -24.22 4.70 -17.81
N ILE F 48 -24.80 4.57 -16.62
CA ILE F 48 -24.54 5.47 -15.51
C ILE F 48 -24.03 4.61 -14.36
N SER F 49 -22.71 4.49 -14.25
CA SER F 49 -22.10 3.78 -13.15
C SER F 49 -22.01 4.68 -11.94
N GLY F 50 -22.53 4.19 -10.82
CA GLY F 50 -22.79 5.06 -9.70
C GLY F 50 -24.15 5.70 -9.91
N VAL F 51 -24.61 6.52 -8.96
CA VAL F 51 -25.95 7.06 -9.11
C VAL F 51 -25.98 8.26 -10.04
N THR F 52 -24.86 8.97 -10.20
CA THR F 52 -24.82 10.19 -10.99
C THR F 52 -23.75 10.21 -12.07
N ASN F 53 -22.63 9.50 -11.88
CA ASN F 53 -21.47 9.58 -12.77
C ASN F 53 -21.78 8.90 -14.11
N LEU F 54 -21.62 9.64 -15.19
CA LEU F 54 -21.83 9.07 -16.52
C LEU F 54 -20.54 8.42 -17.02
N GLU F 55 -20.70 7.33 -17.76
CA GLU F 55 -19.55 6.65 -18.32
C GLU F 55 -19.07 7.37 -19.58
N THR F 56 -17.88 6.98 -20.05
CA THR F 56 -17.33 7.59 -21.25
C THR F 56 -17.94 6.96 -22.50
N GLY F 57 -18.49 7.81 -23.36
CA GLY F 57 -19.06 7.35 -24.60
C GLY F 57 -20.56 7.43 -24.70
N VAL F 58 -21.25 7.99 -23.71
CA VAL F 58 -22.70 8.15 -23.74
C VAL F 58 -23.01 9.62 -23.98
N PRO F 59 -24.15 9.95 -24.60
CA PRO F 59 -24.54 11.36 -24.72
C PRO F 59 -24.92 11.93 -23.36
N SER F 60 -24.76 13.25 -23.22
CA SER F 60 -24.98 13.89 -21.94
C SER F 60 -26.43 14.29 -21.70
N ARG F 61 -27.38 13.75 -22.47
CA ARG F 61 -28.78 13.93 -22.11
C ARG F 61 -29.14 13.11 -20.88
N PHE F 62 -28.49 11.96 -20.71
CA PHE F 62 -28.74 11.10 -19.57
C PHE F 62 -28.20 11.75 -18.31
N SER F 63 -28.95 11.65 -17.22
CA SER F 63 -28.54 12.23 -15.94
C SER F 63 -29.20 11.44 -14.83
N GLY F 64 -28.42 10.61 -14.15
CA GLY F 64 -28.93 9.92 -12.99
C GLY F 64 -29.08 10.85 -11.81
N SER F 65 -30.01 10.50 -10.92
CA SER F 65 -30.32 11.36 -9.78
C SER F 65 -30.85 10.50 -8.64
N GLY F 66 -31.23 11.16 -7.55
CA GLY F 66 -31.90 10.50 -6.46
C GLY F 66 -30.95 9.90 -5.44
N SER F 67 -31.47 9.58 -4.26
CA SER F 67 -30.71 8.89 -3.23
C SER F 67 -31.67 8.20 -2.29
N GLY F 68 -31.10 7.41 -1.37
CA GLY F 68 -31.90 6.74 -0.37
C GLY F 68 -32.38 5.37 -0.80
N LYS F 69 -33.63 5.29 -1.26
CA LYS F 69 -34.20 4.05 -1.78
C LYS F 69 -34.75 4.18 -3.19
N ASN F 70 -35.17 5.37 -3.61
CA ASN F 70 -35.73 5.58 -4.94
C ASN F 70 -34.79 6.46 -5.75
N PHE F 71 -34.30 5.93 -6.85
CA PHE F 71 -33.45 6.65 -7.79
C PHE F 71 -34.21 6.88 -9.08
N THR F 72 -33.83 7.93 -9.80
CA THR F 72 -34.50 8.22 -11.07
C THR F 72 -33.47 8.52 -12.14
N LEU F 73 -33.78 8.10 -13.37
CA LEU F 73 -33.06 8.49 -14.56
C LEU F 73 -33.91 9.51 -15.32
N SER F 74 -33.25 10.40 -16.05
CA SER F 74 -33.98 11.38 -16.84
C SER F 74 -33.20 11.72 -18.09
N ILE F 75 -33.89 11.68 -19.22
CA ILE F 75 -33.30 12.01 -20.51
C ILE F 75 -33.76 13.41 -20.91
N ALA F 76 -32.82 14.22 -21.42
CA ALA F 76 -33.10 15.63 -21.68
C ALA F 76 -34.08 15.80 -22.84
N SER F 77 -33.68 15.39 -24.05
CA SER F 77 -34.54 15.48 -25.22
C SER F 77 -34.32 14.21 -26.03
N LEU F 78 -35.38 13.43 -26.17
CA LEU F 78 -35.27 12.06 -26.65
C LEU F 78 -35.02 12.02 -28.15
N GLN F 79 -34.23 11.04 -28.58
CA GLN F 79 -34.03 10.76 -30.00
C GLN F 79 -34.58 9.38 -30.29
N THR F 80 -34.37 8.92 -31.52
CA THR F 80 -34.86 7.60 -31.92
C THR F 80 -33.85 6.50 -31.71
N GLU F 81 -32.71 6.78 -31.10
CA GLU F 81 -31.74 5.75 -30.77
C GLU F 81 -31.80 5.35 -29.31
N ASP F 82 -32.78 5.83 -28.56
CA ASP F 82 -32.93 5.55 -27.14
C ASP F 82 -34.33 5.02 -26.85
N VAL F 83 -34.77 4.06 -27.65
CA VAL F 83 -36.14 3.54 -27.57
C VAL F 83 -36.01 2.10 -27.09
N ALA F 84 -35.08 1.86 -26.17
CA ALA F 84 -34.84 0.52 -25.67
C ALA F 84 -35.21 0.41 -24.20
N THR F 85 -34.99 -0.76 -23.61
CA THR F 85 -35.26 -1.00 -22.19
C THR F 85 -34.18 -0.32 -21.36
N TYR F 86 -34.41 -0.24 -20.06
CA TYR F 86 -33.47 0.43 -19.15
C TYR F 86 -33.50 -0.28 -17.79
N TYR F 87 -32.57 -1.20 -17.59
CA TYR F 87 -32.55 -2.01 -16.38
C TYR F 87 -31.81 -1.30 -15.27
N CYS F 88 -32.48 -1.13 -14.14
CA CYS F 88 -31.86 -0.66 -12.92
C CYS F 88 -31.10 -1.80 -12.25
N GLN F 89 -29.95 -1.48 -11.65
CA GLN F 89 -29.14 -2.52 -11.04
C GLN F 89 -28.50 -1.96 -9.78
N GLN F 90 -28.50 -2.75 -8.70
CA GLN F 90 -27.66 -2.46 -7.55
C GLN F 90 -26.40 -3.31 -7.66
N TYR F 91 -25.36 -2.93 -6.93
CA TYR F 91 -24.23 -3.84 -6.78
C TYR F 91 -23.73 -3.88 -5.34
N TRP F 92 -24.64 -3.85 -4.38
CA TRP F 92 -24.28 -3.78 -2.97
C TRP F 92 -23.95 -5.15 -2.40
N SER F 93 -24.93 -6.05 -2.34
CA SER F 93 -24.73 -7.39 -1.82
C SER F 93 -24.84 -8.40 -2.96
N PHE F 94 -24.25 -9.60 -2.75
CA PHE F 94 -23.87 -10.58 -3.78
C PHE F 94 -24.91 -10.89 -4.86
N PRO F 95 -26.21 -11.18 -4.56
CA PRO F 95 -27.13 -11.37 -5.68
C PRO F 95 -27.46 -10.03 -6.31
N TRP F 96 -26.57 -9.58 -7.21
CA TRP F 96 -26.61 -8.24 -7.78
C TRP F 96 -27.83 -8.14 -8.70
N THR F 97 -28.97 -7.87 -8.06
CA THR F 97 -30.27 -8.06 -8.71
C THR F 97 -30.53 -6.92 -9.68
N PHE F 98 -30.99 -7.26 -10.88
CA PHE F 98 -31.41 -6.25 -11.83
C PHE F 98 -32.85 -5.84 -11.56
N GLY F 99 -33.24 -4.72 -12.13
CA GLY F 99 -34.58 -4.23 -11.97
C GLY F 99 -35.56 -4.95 -12.87
N GLY F 100 -36.74 -4.34 -13.02
CA GLY F 100 -37.74 -4.87 -13.88
C GLY F 100 -37.45 -4.59 -15.34
N GLY F 101 -37.42 -3.33 -15.70
CA GLY F 101 -37.15 -2.93 -17.06
C GLY F 101 -38.35 -2.22 -17.66
N THR F 102 -38.06 -1.29 -18.56
CA THR F 102 -39.13 -0.54 -19.22
C THR F 102 -38.79 -0.29 -20.68
N LYS F 103 -39.40 -1.07 -21.57
CA LYS F 103 -39.28 -0.87 -23.01
C LYS F 103 -40.05 0.39 -23.37
N LEU F 104 -39.56 1.12 -24.37
CA LEU F 104 -40.15 2.39 -24.74
C LEU F 104 -40.76 2.31 -26.13
N GLU F 105 -41.82 3.08 -26.37
CA GLU F 105 -42.42 3.26 -27.68
C GLU F 105 -42.83 4.71 -27.82
N ILE F 106 -42.56 5.29 -28.99
CA ILE F 106 -43.02 6.65 -29.27
C ILE F 106 -44.53 6.68 -29.40
N ARG F 107 -45.12 7.82 -29.11
CA ARG F 107 -46.57 7.91 -29.02
C ARG F 107 -47.14 8.98 -29.94
N GLU G 1 -8.87 -4.06 -29.27
CA GLU G 1 -10.05 -3.84 -28.46
C GLU G 1 -10.23 -4.98 -27.47
N ILE G 2 -11.35 -4.96 -26.75
CA ILE G 2 -11.64 -5.99 -25.75
C ILE G 2 -12.81 -6.81 -26.31
N GLN G 3 -12.48 -7.98 -26.85
CA GLN G 3 -13.44 -8.82 -27.54
C GLN G 3 -13.74 -10.06 -26.71
N LEU G 4 -15.02 -10.35 -26.54
CA LEU G 4 -15.50 -11.58 -25.89
C LEU G 4 -16.39 -12.30 -26.89
N GLN G 5 -16.03 -13.52 -27.25
CA GLN G 5 -16.85 -14.34 -28.13
C GLN G 5 -17.20 -15.64 -27.43
N GLN G 6 -18.37 -16.18 -27.73
CA GLN G 6 -18.85 -17.45 -27.20
C GLN G 6 -19.16 -18.39 -28.34
N SER G 7 -19.79 -19.51 -28.00
CA SER G 7 -20.23 -20.46 -29.01
C SER G 7 -21.50 -19.97 -29.70
N GLY G 8 -22.01 -20.79 -30.62
CA GLY G 8 -23.25 -20.49 -31.27
C GLY G 8 -24.44 -20.94 -30.46
N PRO G 9 -25.63 -20.91 -31.07
CA PRO G 9 -26.82 -21.42 -30.38
C PRO G 9 -26.74 -22.93 -30.23
N GLU G 10 -27.42 -23.43 -29.20
CA GLU G 10 -27.43 -24.85 -28.88
C GLU G 10 -28.83 -25.41 -29.08
N LEU G 11 -28.93 -26.73 -29.11
CA LEU G 11 -30.22 -27.41 -29.13
C LEU G 11 -30.05 -28.78 -28.49
N VAL G 12 -30.61 -28.95 -27.29
CA VAL G 12 -30.69 -30.24 -26.64
C VAL G 12 -32.10 -30.45 -26.11
N ALA G 13 -32.45 -31.67 -25.92
CA ALA G 13 -33.70 -32.17 -25.38
C ALA G 13 -33.77 -31.86 -23.88
N PRO G 14 -34.97 -31.94 -23.28
CA PRO G 14 -35.04 -31.88 -21.81
C PRO G 14 -34.26 -33.02 -21.16
N GLY G 15 -33.57 -32.67 -20.07
CA GLY G 15 -32.76 -33.65 -19.37
C GLY G 15 -31.45 -33.97 -20.05
N ALA G 16 -30.63 -32.96 -20.33
CA ALA G 16 -29.33 -33.14 -20.94
C ALA G 16 -28.30 -32.25 -20.25
N SER G 17 -27.11 -32.15 -20.85
CA SER G 17 -26.04 -31.33 -20.31
C SER G 17 -25.25 -30.70 -21.44
N VAL G 18 -25.02 -29.39 -21.35
CA VAL G 18 -24.31 -28.63 -22.37
C VAL G 18 -23.11 -27.94 -21.73
N LYS G 19 -22.27 -27.36 -22.58
CA LYS G 19 -21.21 -26.45 -22.15
C LYS G 19 -20.90 -25.51 -23.30
N VAL G 20 -20.78 -24.22 -23.00
CA VAL G 20 -20.45 -23.23 -24.01
C VAL G 20 -19.18 -22.50 -23.60
N SER G 21 -18.33 -22.22 -24.58
CA SER G 21 -17.05 -21.59 -24.33
C SER G 21 -17.19 -20.08 -24.29
N CYS G 22 -16.14 -19.42 -23.83
CA CYS G 22 -16.09 -17.96 -23.82
C CYS G 22 -14.61 -17.59 -23.86
N LYS G 23 -14.12 -17.25 -25.05
CA LYS G 23 -12.68 -17.05 -25.26
C LYS G 23 -12.37 -15.56 -25.23
N ALA G 24 -11.64 -15.14 -24.21
CA ALA G 24 -11.24 -13.75 -24.07
C ALA G 24 -9.89 -13.52 -24.73
N SER G 25 -9.79 -12.40 -25.44
CA SER G 25 -8.51 -12.04 -26.05
C SER G 25 -8.47 -10.53 -26.21
N GLY G 26 -7.33 -9.95 -25.86
CA GLY G 26 -7.14 -8.52 -25.90
C GLY G 26 -6.76 -7.87 -24.59
N TYR G 27 -6.62 -8.63 -23.51
CA TYR G 27 -6.20 -8.10 -22.23
C TYR G 27 -5.51 -9.21 -21.45
N ALA G 28 -5.00 -8.88 -20.27
CA ALA G 28 -4.40 -9.87 -19.38
C ALA G 28 -5.54 -10.69 -18.79
N PHE G 29 -5.63 -11.94 -19.21
CA PHE G 29 -6.79 -12.78 -18.89
C PHE G 29 -6.86 -13.13 -17.41
N THR G 30 -5.72 -13.14 -16.73
CA THR G 30 -5.66 -13.48 -15.31
C THR G 30 -6.01 -12.32 -14.39
N SER G 31 -6.64 -11.26 -14.89
CA SER G 31 -6.81 -10.04 -14.10
C SER G 31 -8.21 -9.48 -14.10
N TYR G 32 -9.23 -10.26 -14.43
CA TYR G 32 -10.62 -9.81 -14.34
C TYR G 32 -11.52 -10.97 -13.94
N ASN G 33 -12.42 -10.71 -12.99
CA ASN G 33 -13.41 -11.72 -12.61
C ASN G 33 -14.41 -11.87 -13.74
N MET G 34 -14.40 -13.02 -14.42
CA MET G 34 -15.34 -13.24 -15.51
C MET G 34 -16.66 -13.72 -14.94
N TYR G 35 -17.72 -12.93 -15.12
CA TYR G 35 -19.01 -13.25 -14.54
C TYR G 35 -19.79 -14.10 -15.51
N TRP G 36 -21.03 -14.39 -15.14
CA TRP G 36 -22.01 -14.98 -16.05
C TRP G 36 -23.36 -14.40 -15.67
N VAL G 37 -24.31 -14.48 -16.59
CA VAL G 37 -25.65 -13.96 -16.38
C VAL G 37 -26.58 -14.65 -17.36
N ARG G 38 -27.81 -14.86 -16.94
CA ARG G 38 -28.82 -15.51 -17.76
C ARG G 38 -29.96 -14.54 -17.98
N GLN G 39 -30.48 -14.49 -19.20
CA GLN G 39 -31.59 -13.61 -19.54
C GLN G 39 -32.64 -14.39 -20.31
N SER G 40 -33.79 -14.63 -19.69
CA SER G 40 -34.90 -15.25 -20.39
C SER G 40 -35.50 -14.28 -21.39
N HIS G 41 -36.31 -14.80 -22.30
CA HIS G 41 -36.87 -13.99 -23.37
C HIS G 41 -37.95 -13.05 -22.82
N GLY G 42 -37.74 -11.75 -23.02
CA GLY G 42 -38.73 -10.77 -22.64
C GLY G 42 -38.80 -10.48 -21.16
N LYS G 43 -37.77 -10.85 -20.41
CA LYS G 43 -37.73 -10.60 -18.98
C LYS G 43 -36.36 -10.06 -18.61
N SER G 44 -36.17 -9.81 -17.32
CA SER G 44 -34.92 -9.23 -16.86
C SER G 44 -33.86 -10.30 -16.69
N LEU G 45 -32.64 -9.85 -16.47
CA LEU G 45 -31.49 -10.74 -16.33
C LEU G 45 -31.51 -11.42 -14.97
N GLU G 46 -30.79 -12.54 -14.87
CA GLU G 46 -30.70 -13.28 -13.63
C GLU G 46 -29.32 -13.89 -13.54
N TRP G 47 -28.78 -13.97 -12.32
CA TRP G 47 -27.38 -14.26 -12.15
C TRP G 47 -27.10 -15.76 -12.08
N ILE G 48 -25.83 -16.09 -12.28
CA ILE G 48 -25.33 -17.46 -12.15
C ILE G 48 -24.18 -17.45 -11.17
N GLY G 49 -23.21 -16.57 -11.39
CA GLY G 49 -22.09 -16.46 -10.49
C GLY G 49 -20.87 -15.96 -11.22
N TYR G 50 -19.72 -16.04 -10.57
CA TYR G 50 -18.47 -15.63 -11.16
C TYR G 50 -17.36 -16.60 -10.80
N ILE G 51 -16.32 -16.60 -11.63
CA ILE G 51 -15.13 -17.41 -11.40
C ILE G 51 -13.91 -16.51 -11.52
N VAL G 52 -13.02 -16.58 -10.52
CA VAL G 52 -11.77 -15.83 -10.59
C VAL G 52 -10.75 -16.69 -11.31
N PRO G 53 -10.16 -16.19 -12.39
CA PRO G 53 -9.51 -17.10 -13.36
C PRO G 53 -8.15 -17.63 -12.97
N TYR G 54 -7.41 -16.92 -12.09
CA TYR G 54 -6.07 -17.39 -11.76
C TYR G 54 -6.12 -18.57 -10.80
N ASN G 55 -7.19 -18.67 -10.01
CA ASN G 55 -7.30 -19.68 -8.97
C ASN G 55 -8.31 -20.76 -9.32
N GLY G 56 -9.49 -20.36 -9.76
CA GLY G 56 -10.58 -21.27 -10.01
C GLY G 56 -11.63 -21.31 -8.92
N GLY G 57 -11.51 -20.45 -7.92
CA GLY G 57 -12.49 -20.37 -6.86
C GLY G 57 -13.80 -19.80 -7.34
N THR G 58 -14.87 -20.58 -7.23
CA THR G 58 -16.15 -20.23 -7.83
C THR G 58 -17.13 -19.80 -6.76
N THR G 59 -18.01 -18.89 -7.15
CA THR G 59 -19.15 -18.46 -6.35
C THR G 59 -20.40 -18.61 -7.18
N TYR G 60 -21.48 -19.09 -6.58
CA TYR G 60 -22.71 -19.34 -7.31
C TYR G 60 -23.87 -18.64 -6.62
N ASN G 61 -24.95 -18.49 -7.38
CA ASN G 61 -26.20 -17.95 -6.86
C ASN G 61 -26.91 -18.98 -5.99
N GLN G 62 -28.03 -18.58 -5.40
CA GLN G 62 -28.81 -19.49 -4.59
C GLN G 62 -29.66 -20.45 -5.42
N GLU G 63 -30.31 -19.96 -6.48
CA GLU G 63 -31.19 -20.84 -7.23
C GLU G 63 -30.50 -21.57 -8.37
N PHE G 64 -29.19 -21.38 -8.53
CA PHE G 64 -28.47 -21.93 -9.67
C PHE G 64 -27.30 -22.82 -9.26
N LYS G 65 -27.19 -23.16 -7.97
CA LYS G 65 -26.00 -23.86 -7.49
C LYS G 65 -26.00 -25.33 -7.87
N GLY G 66 -27.14 -25.86 -8.28
CA GLY G 66 -27.21 -27.26 -8.68
C GLY G 66 -26.93 -27.46 -10.15
N LYS G 67 -27.37 -26.51 -10.98
CA LYS G 67 -27.26 -26.67 -12.43
C LYS G 67 -25.88 -26.29 -12.94
N ALA G 68 -25.51 -25.03 -12.82
CA ALA G 68 -24.34 -24.50 -13.48
C ALA G 68 -23.10 -24.72 -12.61
N THR G 69 -22.03 -25.22 -13.24
CA THR G 69 -20.71 -25.25 -12.62
C THR G 69 -19.70 -24.70 -13.62
N LEU G 70 -18.86 -23.80 -13.14
CA LEU G 70 -17.93 -23.07 -14.00
C LEU G 70 -16.53 -23.65 -13.87
N THR G 71 -15.75 -23.54 -14.95
CA THR G 71 -14.33 -23.84 -14.92
C THR G 71 -13.61 -22.86 -15.83
N VAL G 72 -12.28 -22.90 -15.77
CA VAL G 72 -11.45 -21.96 -16.49
C VAL G 72 -10.18 -22.67 -16.94
N ASP G 73 -9.53 -22.10 -17.96
CA ASP G 73 -8.27 -22.62 -18.46
C ASP G 73 -7.42 -21.40 -18.80
N LYS G 74 -6.32 -21.22 -18.06
CA LYS G 74 -5.45 -20.07 -18.26
C LYS G 74 -4.66 -20.13 -19.55
N SER G 75 -4.45 -21.31 -20.13
CA SER G 75 -3.66 -21.41 -21.34
C SER G 75 -4.46 -21.00 -22.57
N SER G 76 -5.69 -21.50 -22.69
CA SER G 76 -6.53 -21.26 -23.85
C SER G 76 -7.36 -19.99 -23.72
N ASN G 77 -7.32 -19.33 -22.56
CA ASN G 77 -8.07 -18.11 -22.25
C ASN G 77 -9.57 -18.31 -22.44
N THR G 78 -10.07 -19.48 -22.04
CA THR G 78 -11.47 -19.82 -22.18
C THR G 78 -12.10 -20.04 -20.82
N ALA G 79 -13.32 -19.55 -20.65
CA ALA G 79 -14.08 -19.75 -19.43
C ALA G 79 -15.34 -20.54 -19.76
N TYR G 80 -15.43 -21.76 -19.25
CA TYR G 80 -16.56 -22.63 -19.56
C TYR G 80 -17.57 -22.64 -18.43
N ILE G 81 -18.84 -22.78 -18.81
CA ILE G 81 -19.93 -23.07 -17.88
C ILE G 81 -20.48 -24.43 -18.26
N HIS G 82 -20.69 -25.28 -17.28
CA HIS G 82 -21.26 -26.62 -17.50
C HIS G 82 -22.65 -26.65 -16.90
N LEU G 83 -23.67 -26.63 -17.76
CA LEU G 83 -25.06 -26.65 -17.35
C LEU G 83 -25.55 -28.09 -17.36
N ASN G 84 -26.08 -28.56 -16.24
CA ASN G 84 -26.58 -29.92 -16.15
C ASN G 84 -28.05 -29.91 -15.76
N SER G 85 -28.76 -30.97 -16.20
CA SER G 85 -30.12 -31.31 -15.77
C SER G 85 -31.12 -30.19 -16.08
N LEU G 86 -31.20 -29.85 -17.36
CA LEU G 86 -31.99 -28.71 -17.79
C LEU G 86 -33.45 -29.11 -17.94
N THR G 87 -34.29 -28.11 -18.21
CA THR G 87 -35.71 -28.27 -18.46
C THR G 87 -36.06 -27.39 -19.66
N SER G 88 -37.35 -27.15 -19.87
CA SER G 88 -37.76 -26.14 -20.83
C SER G 88 -37.85 -24.77 -20.19
N GLU G 89 -37.87 -24.72 -18.85
CA GLU G 89 -37.89 -23.45 -18.15
C GLU G 89 -36.53 -22.76 -18.19
N ASP G 90 -35.46 -23.53 -18.36
CA ASP G 90 -34.11 -22.99 -18.46
C ASP G 90 -33.67 -22.83 -19.91
N SER G 91 -34.45 -22.07 -20.67
CA SER G 91 -34.16 -21.81 -22.08
C SER G 91 -34.00 -20.31 -22.24
N ALA G 92 -32.76 -19.84 -22.30
CA ALA G 92 -32.51 -18.41 -22.24
C ALA G 92 -31.25 -18.10 -23.02
N VAL G 93 -30.75 -16.88 -22.86
CA VAL G 93 -29.54 -16.40 -23.52
C VAL G 93 -28.50 -16.15 -22.46
N TYR G 94 -27.30 -16.72 -22.64
CA TYR G 94 -26.26 -16.73 -21.62
C TYR G 94 -25.12 -15.82 -22.04
N TYR G 95 -24.72 -14.90 -21.17
CA TYR G 95 -23.62 -14.00 -21.45
C TYR G 95 -22.46 -14.24 -20.51
N CYS G 96 -21.26 -13.95 -21.00
CA CYS G 96 -20.06 -13.84 -20.17
C CYS G 96 -19.54 -12.43 -20.32
N ALA G 97 -19.34 -11.73 -19.21
CA ALA G 97 -19.04 -10.30 -19.27
C ALA G 97 -18.20 -9.86 -18.07
N LYS G 98 -17.06 -9.23 -18.36
CA LYS G 98 -16.19 -8.72 -17.32
C LYS G 98 -16.62 -7.32 -16.91
N GLU G 99 -15.94 -6.78 -15.89
CA GLU G 99 -16.23 -5.45 -15.40
C GLU G 99 -15.38 -4.42 -16.14
N GLY G 100 -15.57 -3.16 -15.77
CA GLY G 100 -14.87 -2.07 -16.44
C GLY G 100 -13.39 -2.06 -16.12
N THR G 101 -12.60 -1.62 -17.09
CA THR G 101 -11.15 -1.69 -16.96
C THR G 101 -10.58 -0.62 -16.04
N TYR G 102 -11.34 0.42 -15.71
CA TYR G 102 -10.87 1.41 -14.76
C TYR G 102 -11.91 1.74 -13.69
N TYR G 103 -13.03 1.02 -13.63
CA TYR G 103 -14.02 1.28 -12.61
C TYR G 103 -13.77 0.45 -11.36
N GLY G 104 -13.86 -0.87 -11.49
CA GLY G 104 -13.34 -1.72 -10.44
C GLY G 104 -14.31 -2.26 -9.41
N TYR G 105 -15.51 -1.69 -9.29
CA TYR G 105 -16.49 -2.21 -8.34
C TYR G 105 -16.90 -3.62 -8.72
N ASP G 106 -17.31 -4.40 -7.72
CA ASP G 106 -17.34 -5.85 -7.90
C ASP G 106 -18.51 -6.36 -8.71
N GLY G 107 -19.40 -5.49 -9.16
CA GLY G 107 -20.63 -5.97 -9.75
C GLY G 107 -21.13 -5.33 -11.03
N VAL G 108 -20.45 -4.29 -11.50
CA VAL G 108 -20.86 -3.67 -12.75
C VAL G 108 -20.35 -4.53 -13.90
N LEU G 109 -20.91 -4.35 -15.08
CA LEU G 109 -20.57 -5.14 -16.26
C LEU G 109 -20.52 -4.20 -17.45
N ALA G 110 -19.32 -3.87 -17.92
CA ALA G 110 -19.17 -2.77 -18.85
C ALA G 110 -18.93 -3.22 -20.29
N ASP G 111 -18.71 -4.53 -20.51
CA ASP G 111 -18.57 -5.04 -21.88
C ASP G 111 -19.06 -6.49 -21.87
N TRP G 112 -19.97 -6.80 -22.78
CA TRP G 112 -20.70 -8.06 -22.73
C TRP G 112 -20.41 -8.87 -23.99
N GLY G 113 -20.62 -10.18 -23.88
CA GLY G 113 -20.46 -11.05 -25.02
C GLY G 113 -21.65 -10.99 -25.96
N GLN G 114 -21.69 -11.98 -26.86
CA GLN G 114 -22.79 -12.05 -27.82
C GLN G 114 -24.00 -12.73 -27.20
N GLY G 115 -23.85 -14.00 -26.82
CA GLY G 115 -24.94 -14.76 -26.25
C GLY G 115 -25.27 -16.02 -27.01
N THR G 116 -25.32 -17.16 -26.32
CA THR G 116 -25.71 -18.42 -26.91
C THR G 116 -27.14 -18.72 -26.52
N LEU G 117 -28.05 -18.67 -27.50
CA LEU G 117 -29.45 -18.93 -27.27
C LEU G 117 -29.64 -20.43 -27.03
N VAL G 118 -29.69 -20.84 -25.77
CA VAL G 118 -29.77 -22.25 -25.41
C VAL G 118 -31.24 -22.65 -25.39
N THR G 119 -31.53 -23.79 -26.00
CA THR G 119 -32.89 -24.33 -25.99
C THR G 119 -32.94 -25.71 -25.33
C1 NAG H . -11.86 13.10 4.37
C2 NAG H . -13.04 12.23 4.81
C3 NAG H . -14.28 12.55 3.98
C4 NAG H . -14.60 14.04 4.07
C5 NAG H . -13.40 14.86 3.62
C6 NAG H . -13.60 16.35 3.80
C7 NAG H . -12.61 10.03 5.77
C8 NAG H . -12.29 8.59 5.49
N2 NAG H . -12.72 10.82 4.70
O3 NAG H . -15.38 11.79 4.45
O4 NAG H . -15.73 14.35 3.25
O5 NAG H . -12.25 14.50 4.42
O6 NAG H . -14.82 16.64 4.47
O7 NAG H . -12.76 10.44 6.91
#